data_5ERP
#
_entry.id   5ERP
#
_cell.length_a   146.216
_cell.length_b   94.166
_cell.length_c   126.307
_cell.angle_alpha   90.00
_cell.angle_beta   93.66
_cell.angle_gamma   90.00
#
_symmetry.space_group_name_H-M   'C 1 2 1'
#
loop_
_entity.id
_entity.type
_entity.pdbx_description
1 polymer Desmocollin-2
2 branched alpha-D-mannopyranose-(1-3)-beta-D-mannopyranose-(1-4)-2-acetamido-2-deoxy-beta-D-glucopyranose-(1-4)-2-acetamido-2-deoxy-beta-D-glucopyranose
3 non-polymer alpha-D-mannopyranose
4 non-polymer 2-acetamido-2-deoxy-beta-D-glucopyranose
5 non-polymer 'CALCIUM ION'
6 non-polymer 'SULFATE ION'
7 non-polymer 1,2-ETHANEDIOL
8 water water
#
_entity_poly.entity_id   1
_entity_poly.type   'polypeptide(L)'
_entity_poly.pdbx_seq_one_letter_code
;ENDNYPIFTEETYTFTIFENCRVGTTVGQVCATDKDEPDTMHTRLKYSIIGQVPPSPTLFSMHPTTGVITTTSSQLDREL
IDKYQLKIKVQDMDGQYFGLQTTSTCIINIDDVNDHLPTFTRTSYVTSVEENTVDVEILRVTVEDKDLVNTANWRANYTI
LKGNENGNFKIVTDAKTNEGVLCVVKPLNYEEKQQMILQIGVVNEAPFSREASPRSAMSTATVTVNVEDQDEGPECNPPI
QTVRMKENAEVGTTSNGYKAYDPETRSSSGIRYKKLTDPTGWVTIDENTGSIKVFRSLDREAETIKNGIYNITVLASDQG
GRTCTGTLGIILQDVNDNSPFIPKKTVIICKPTMSSAEIVAVDPDEPIHGPPFDFSLESSTSEVQRMWRLKAINDTAARL
SYQNDPPFGSYVVPITVRDRLGMSSVTSLDVTLCDCITENDCTHRHHHHHH
;
_entity_poly.pdbx_strand_id   A,B
#
loop_
_chem_comp.id
_chem_comp.type
_chem_comp.name
_chem_comp.formula
BMA D-saccharide, beta linking beta-D-mannopyranose 'C6 H12 O6'
CA non-polymer 'CALCIUM ION' 'Ca 2'
EDO non-polymer 1,2-ETHANEDIOL 'C2 H6 O2'
MAN D-saccharide, alpha linking alpha-D-mannopyranose 'C6 H12 O6'
NAG D-saccharide, beta linking 2-acetamido-2-deoxy-beta-D-glucopyranose 'C8 H15 N O6'
SO4 non-polymer 'SULFATE ION' 'O4 S -2'
#
# COMPACT_ATOMS: atom_id res chain seq x y z
N GLU A 1 55.98 49.87 9.49
CA GLU A 1 56.61 49.77 10.81
C GLU A 1 55.58 49.39 11.86
N ASN A 2 54.34 49.17 11.43
CA ASN A 2 53.25 48.84 12.33
C ASN A 2 53.40 47.43 12.95
N ASP A 3 53.93 46.51 12.13
CA ASP A 3 54.26 45.16 12.59
C ASP A 3 53.09 44.36 13.18
N ASN A 4 51.91 44.49 12.59
CA ASN A 4 50.74 43.68 12.98
C ASN A 4 49.82 43.27 11.85
N TYR A 5 49.42 42.01 11.90
CA TYR A 5 48.48 41.42 10.96
C TYR A 5 47.05 41.69 11.43
N PRO A 6 46.11 41.92 10.50
CA PRO A 6 44.71 42.05 10.92
C PRO A 6 44.00 40.70 10.92
N ILE A 7 43.48 40.30 12.07
CA ILE A 7 42.88 38.98 12.21
C ILE A 7 41.36 39.10 12.26
N PHE A 8 40.69 38.24 11.49
CA PHE A 8 39.23 38.21 11.48
C PHE A 8 38.68 37.77 12.82
N THR A 9 37.58 38.38 13.24
CA THR A 9 36.93 38.02 14.50
C THR A 9 36.61 36.54 14.52
N GLU A 10 36.06 36.06 13.40
CA GLU A 10 35.73 34.65 13.23
C GLU A 10 36.57 34.05 12.10
N GLU A 11 37.11 32.86 12.35
CA GLU A 11 37.89 32.14 11.36
C GLU A 11 36.99 31.65 10.22
N THR A 12 35.74 31.32 10.53
CA THR A 12 34.80 30.86 9.52
C THR A 12 33.39 31.36 9.81
N TYR A 13 33.03 32.49 9.21
CA TYR A 13 31.69 33.06 9.34
C TYR A 13 30.64 32.14 8.75
N THR A 14 29.39 32.36 9.14
CA THR A 14 28.26 31.67 8.51
C THR A 14 27.03 32.56 8.49
N PHE A 15 26.50 32.76 7.28
CA PHE A 15 25.30 33.56 7.08
C PHE A 15 24.25 32.81 6.27
N THR A 16 23.03 33.32 6.28
CA THR A 16 21.92 32.72 5.55
C THR A 16 21.08 33.79 4.86
N ILE A 17 20.61 33.49 3.66
CA ILE A 17 19.75 34.39 2.90
C ILE A 17 18.64 33.59 2.22
N PHE A 18 17.56 34.28 1.86
CA PHE A 18 16.46 33.65 1.14
C PHE A 18 16.72 33.67 -0.36
N GLU A 19 16.40 32.57 -1.02
CA GLU A 19 16.52 32.49 -2.47
C GLU A 19 15.63 33.54 -3.12
N ASN A 20 15.93 33.86 -4.37
CA ASN A 20 15.17 34.83 -5.14
C ASN A 20 15.19 36.24 -4.54
N CYS A 21 16.10 36.48 -3.59
CA CYS A 21 16.15 37.77 -2.93
C CYS A 21 16.67 38.85 -3.89
N ARG A 22 16.21 40.07 -3.68
CA ARG A 22 16.63 41.23 -4.45
C ARG A 22 18.15 41.38 -4.47
N VAL A 23 18.68 42.02 -5.51
CA VAL A 23 20.11 42.34 -5.51
C VAL A 23 20.32 43.43 -4.47
N GLY A 24 21.43 43.34 -3.75
CA GLY A 24 21.73 44.30 -2.69
C GLY A 24 21.24 43.81 -1.34
N THR A 25 20.78 42.56 -1.28
CA THR A 25 20.37 41.97 -0.02
C THR A 25 21.61 41.79 0.86
N THR A 26 21.60 42.44 2.01
CA THR A 26 22.65 42.24 3.01
C THR A 26 22.69 40.78 3.45
N VAL A 27 23.83 40.14 3.20
CA VAL A 27 24.05 38.74 3.56
C VAL A 27 24.53 38.62 4.99
N GLY A 28 25.43 39.53 5.35
CA GLY A 28 26.08 39.49 6.65
C GLY A 28 27.26 40.43 6.62
N GLN A 29 27.89 40.61 7.78
CA GLN A 29 29.01 41.53 7.90
C GLN A 29 30.20 40.86 8.58
N VAL A 30 31.37 40.98 7.96
CA VAL A 30 32.60 40.49 8.54
C VAL A 30 33.37 41.65 9.13
N CYS A 31 34.17 41.36 10.16
CA CYS A 31 34.99 42.38 10.79
C CYS A 31 36.33 41.79 11.18
N ALA A 32 37.33 42.66 11.28
CA ALA A 32 38.67 42.24 11.66
C ALA A 32 39.28 43.28 12.59
N THR A 33 39.95 42.79 13.63
CA THR A 33 40.64 43.65 14.58
C THR A 33 42.11 43.74 14.21
N ASP A 34 42.70 44.92 14.34
CA ASP A 34 44.12 45.09 14.10
C ASP A 34 44.78 45.49 15.42
N LYS A 35 45.52 44.54 15.97
CA LYS A 35 46.14 44.68 17.26
C LYS A 35 47.34 45.64 17.15
N ASP A 36 47.03 46.89 16.79
CA ASP A 36 48.04 47.85 16.40
C ASP A 36 47.64 49.30 16.71
N GLU A 37 48.45 50.26 16.23
CA GLU A 37 48.20 51.68 16.48
C GLU A 37 46.87 52.12 15.85
N PRO A 38 45.96 52.69 16.66
CA PRO A 38 44.65 53.07 16.11
C PRO A 38 44.65 54.29 15.18
N ASP A 39 43.70 54.30 14.25
CA ASP A 39 43.31 55.48 13.49
C ASP A 39 44.34 56.10 12.54
N THR A 40 45.42 55.38 12.22
CA THR A 40 46.34 55.81 11.17
C THR A 40 46.38 54.73 10.09
N MET A 41 46.98 55.02 8.94
CA MET A 41 47.08 54.04 7.84
C MET A 41 47.48 52.67 8.39
N HIS A 42 48.33 52.69 9.41
CA HIS A 42 48.86 51.48 10.03
C HIS A 42 47.76 50.56 10.60
N THR A 43 46.50 51.00 10.54
CA THR A 43 45.39 50.18 11.00
C THR A 43 44.07 50.36 10.25
N ARG A 44 44.04 51.22 9.23
CA ARG A 44 42.83 51.33 8.42
C ARG A 44 42.72 50.12 7.51
N LEU A 45 41.67 49.34 7.73
CA LEU A 45 41.51 48.04 7.10
C LEU A 45 40.65 48.09 5.84
N LYS A 46 40.95 47.17 4.92
CA LYS A 46 40.20 47.03 3.68
C LYS A 46 39.83 45.56 3.49
N TYR A 47 38.59 45.32 3.10
CA TYR A 47 38.07 43.95 2.95
C TYR A 47 37.80 43.62 1.47
N SER A 48 37.99 42.36 1.11
CA SER A 48 37.73 41.92 -0.26
C SER A 48 37.38 40.44 -0.32
N ILE A 49 36.74 40.03 -1.41
CA ILE A 49 36.48 38.62 -1.68
C ILE A 49 37.53 38.13 -2.67
N ILE A 50 38.13 36.98 -2.37
CA ILE A 50 39.25 36.48 -3.15
C ILE A 50 38.87 35.24 -3.94
N GLY A 51 37.92 34.46 -3.43
CA GLY A 51 37.44 33.28 -4.11
C GLY A 51 35.99 33.00 -3.82
N GLN A 52 35.30 32.39 -4.79
CA GLN A 52 33.90 32.00 -4.61
C GLN A 52 33.71 30.58 -5.14
N VAL A 53 32.96 29.77 -4.41
CA VAL A 53 32.71 28.37 -4.79
C VAL A 53 31.24 28.00 -4.63
N PRO A 54 30.55 27.66 -5.74
CA PRO A 54 31.02 27.63 -7.13
C PRO A 54 31.38 29.02 -7.66
N PRO A 55 32.34 29.09 -8.59
CA PRO A 55 32.91 30.36 -9.06
C PRO A 55 31.92 31.27 -9.76
N SER A 56 31.32 30.78 -10.84
CA SER A 56 30.48 31.61 -11.68
C SER A 56 29.00 31.32 -11.49
N PRO A 57 28.15 32.36 -11.58
CA PRO A 57 28.52 33.77 -11.78
C PRO A 57 28.96 34.40 -10.47
N THR A 58 29.51 35.61 -10.52
CA THR A 58 29.81 36.35 -9.31
C THR A 58 28.48 36.78 -8.71
N LEU A 59 28.24 36.37 -7.46
CA LEU A 59 26.93 36.56 -6.82
C LEU A 59 27.01 37.37 -5.55
N PHE A 60 28.22 37.61 -5.05
CA PHE A 60 28.39 38.39 -3.83
C PHE A 60 29.49 39.42 -4.02
N SER A 61 29.28 40.61 -3.44
CA SER A 61 30.26 41.68 -3.50
C SER A 61 30.51 42.17 -2.08
N MET A 62 31.78 42.38 -1.75
CA MET A 62 32.17 42.88 -0.44
C MET A 62 32.28 44.39 -0.49
N HIS A 63 31.98 45.03 0.63
CA HIS A 63 32.24 46.45 0.77
C HIS A 63 33.65 46.62 1.32
N PRO A 64 34.50 47.40 0.64
CA PRO A 64 35.91 47.47 1.05
C PRO A 64 36.10 47.96 2.48
N THR A 65 35.25 48.87 2.93
CA THR A 65 35.41 49.49 4.23
C THR A 65 34.61 48.80 5.34
N THR A 66 33.31 48.63 5.12
CA THR A 66 32.40 48.17 6.17
C THR A 66 32.49 46.66 6.41
N GLY A 67 32.82 45.91 5.37
CA GLY A 67 32.92 44.46 5.49
C GLY A 67 31.56 43.80 5.33
N VAL A 68 30.62 44.48 4.70
CA VAL A 68 29.29 43.92 4.49
C VAL A 68 29.22 43.23 3.14
N ILE A 69 28.76 42.00 3.17
CA ILE A 69 28.54 41.23 1.96
C ILE A 69 27.12 41.50 1.47
N THR A 70 26.96 41.64 0.16
CA THR A 70 25.65 41.85 -0.43
C THR A 70 25.53 41.01 -1.68
N THR A 71 24.29 40.67 -2.05
CA THR A 71 24.05 39.91 -3.26
C THR A 71 24.14 40.81 -4.48
N THR A 72 24.51 40.24 -5.61
CA THR A 72 24.65 40.99 -6.86
C THR A 72 23.65 40.51 -7.89
N SER A 73 22.92 39.46 -7.56
CA SER A 73 21.95 38.87 -8.47
C SER A 73 20.80 38.26 -7.70
N SER A 74 19.65 38.15 -8.34
CA SER A 74 18.50 37.46 -7.76
C SER A 74 18.48 36.00 -8.20
N GLN A 75 19.50 35.59 -8.96
CA GLN A 75 19.59 34.24 -9.48
C GLN A 75 20.18 33.26 -8.46
N LEU A 76 19.73 33.37 -7.22
CA LEU A 76 20.04 32.38 -6.19
C LEU A 76 18.88 31.39 -6.10
N ASP A 77 19.19 30.11 -6.27
CA ASP A 77 18.17 29.08 -6.34
C ASP A 77 18.54 27.89 -5.47
N ARG A 78 17.77 27.69 -4.41
CA ARG A 78 18.04 26.66 -3.42
C ARG A 78 18.00 25.26 -4.05
N GLU A 79 17.12 25.09 -5.04
CA GLU A 79 16.92 23.79 -5.68
C GLU A 79 18.04 23.45 -6.66
N LEU A 80 18.89 24.42 -6.97
CA LEU A 80 20.06 24.18 -7.82
C LEU A 80 21.33 24.14 -6.98
N ILE A 81 21.53 25.18 -6.18
CA ILE A 81 22.71 25.30 -5.33
C ILE A 81 22.28 25.88 -3.97
N ASP A 82 22.43 25.07 -2.91
CA ASP A 82 21.91 25.44 -1.59
C ASP A 82 22.95 26.16 -0.73
N LYS A 83 24.22 25.96 -1.05
CA LYS A 83 25.30 26.52 -0.24
C LYS A 83 26.43 27.07 -1.11
N TYR A 84 26.95 28.23 -0.71
CA TYR A 84 28.13 28.81 -1.34
C TYR A 84 29.23 28.98 -0.31
N GLN A 85 30.47 28.75 -0.72
CA GLN A 85 31.63 28.99 0.12
C GLN A 85 32.54 29.99 -0.58
N LEU A 86 32.91 31.06 0.13
CA LEU A 86 33.81 32.07 -0.42
C LEU A 86 34.96 32.32 0.56
N LYS A 87 36.13 32.63 0.03
CA LYS A 87 37.29 33.00 0.83
C LYS A 87 37.50 34.51 0.83
N ILE A 88 37.55 35.10 2.02
CA ILE A 88 37.70 36.56 2.17
C ILE A 88 39.07 36.93 2.70
N LYS A 89 39.46 38.18 2.46
CA LYS A 89 40.76 38.71 2.88
C LYS A 89 40.62 40.13 3.42
N VAL A 90 41.30 40.40 4.52
CA VAL A 90 41.40 41.75 5.07
C VAL A 90 42.86 42.20 5.09
N GLN A 91 43.10 43.43 4.63
CA GLN A 91 44.45 43.99 4.55
C GLN A 91 44.54 45.38 5.16
N ASP A 92 45.56 45.59 5.98
CA ASP A 92 45.80 46.88 6.60
C ASP A 92 46.55 47.82 5.64
N MET A 93 47.07 48.92 6.18
CA MET A 93 47.76 49.93 5.40
C MET A 93 46.84 50.42 4.29
N ASP A 94 45.54 50.43 4.58
CA ASP A 94 44.52 50.93 3.65
C ASP A 94 44.45 50.09 2.38
N GLY A 95 44.96 48.87 2.45
CA GLY A 95 44.86 47.93 1.34
C GLY A 95 45.97 48.05 0.31
N GLN A 96 47.02 48.79 0.65
CA GLN A 96 48.18 48.91 -0.22
C GLN A 96 48.96 47.59 -0.22
N TYR A 97 49.55 47.24 -1.36
CA TYR A 97 50.16 45.92 -1.55
C TYR A 97 51.16 45.55 -0.46
N PHE A 98 51.81 46.57 0.12
CA PHE A 98 52.80 46.34 1.17
C PHE A 98 52.10 46.25 2.51
N GLY A 99 50.78 46.13 2.45
CA GLY A 99 49.99 45.97 3.65
C GLY A 99 49.95 44.52 4.05
N LEU A 100 49.91 44.30 5.35
CA LEU A 100 49.82 42.99 5.95
C LEU A 100 48.38 42.46 5.90
N GLN A 101 48.22 41.16 5.69
CA GLN A 101 46.87 40.59 5.49
C GLN A 101 46.71 39.15 5.99
N THR A 102 45.48 38.83 6.37
CA THR A 102 45.08 37.46 6.66
C THR A 102 43.79 37.14 5.93
N THR A 103 43.46 35.86 5.87
CA THR A 103 42.29 35.38 5.17
C THR A 103 41.34 34.63 6.09
N SER A 104 40.14 34.36 5.59
CA SER A 104 39.12 33.67 6.36
C SER A 104 38.05 33.16 5.43
N THR A 105 37.37 32.11 5.85
CA THR A 105 36.31 31.51 5.06
C THR A 105 34.95 32.03 5.47
N CYS A 106 34.01 31.99 4.53
CA CYS A 106 32.67 32.47 4.80
C CYS A 106 31.65 31.60 4.07
N ILE A 107 30.88 30.84 4.84
CA ILE A 107 29.89 29.92 4.30
C ILE A 107 28.57 30.65 4.18
N ILE A 108 27.88 30.48 3.05
CA ILE A 108 26.59 31.11 2.82
C ILE A 108 25.54 30.09 2.42
N ASN A 109 24.52 29.97 3.28
CA ASN A 109 23.43 29.03 3.09
C ASN A 109 22.18 29.70 2.54
N ILE A 110 21.52 29.05 1.59
CA ILE A 110 20.30 29.57 1.01
C ILE A 110 19.08 28.95 1.68
N ASP A 111 18.22 29.81 2.21
CA ASP A 111 17.00 29.38 2.87
C ASP A 111 15.92 29.18 1.82
N ASP A 112 14.89 28.41 2.16
CA ASP A 112 13.86 28.05 1.20
C ASP A 112 12.66 29.00 1.24
N VAL A 113 12.08 29.27 0.07
CA VAL A 113 10.80 29.94 -0.04
C VAL A 113 9.91 29.07 -0.91
N ASN A 114 8.59 29.23 -0.78
CA ASN A 114 7.64 28.39 -1.49
C ASN A 114 7.44 28.84 -2.94
N ASP A 115 8.28 28.34 -3.84
CA ASP A 115 8.21 28.73 -5.25
C ASP A 115 7.99 27.55 -6.19
N HIS A 116 7.70 26.38 -5.62
CA HIS A 116 7.17 25.25 -6.39
C HIS A 116 5.82 24.83 -5.84
N LEU A 117 4.78 24.91 -6.67
CA LEU A 117 3.46 24.47 -6.25
C LEU A 117 3.40 22.96 -6.26
N PRO A 118 2.73 22.35 -5.28
CA PRO A 118 2.66 20.88 -5.28
C PRO A 118 1.69 20.39 -6.35
N THR A 119 2.05 19.29 -6.99
CA THR A 119 1.28 18.74 -8.10
C THR A 119 1.13 17.23 -7.94
N PHE A 120 -0.07 16.74 -8.22
CA PHE A 120 -0.35 15.31 -8.15
C PHE A 120 0.53 14.57 -9.16
N THR A 121 1.11 13.44 -8.74
CA THR A 121 2.02 12.69 -9.60
C THR A 121 1.26 11.95 -10.70
N ARG A 122 -0.06 11.88 -10.55
CA ARG A 122 -0.93 11.34 -11.59
C ARG A 122 -2.06 12.32 -11.81
N THR A 123 -2.61 12.36 -13.02
CA THR A 123 -3.67 13.30 -13.34
C THR A 123 -5.03 12.75 -12.93
N SER A 124 -5.17 11.44 -13.01
CA SER A 124 -6.42 10.78 -12.69
C SER A 124 -6.15 9.53 -11.85
N TYR A 125 -7.09 9.25 -10.96
CA TYR A 125 -7.01 8.07 -10.11
C TYR A 125 -8.29 7.26 -10.22
N VAL A 126 -8.20 5.97 -9.95
CA VAL A 126 -9.36 5.10 -9.91
C VAL A 126 -9.22 4.14 -8.74
N THR A 127 -10.29 3.98 -7.97
CA THR A 127 -10.28 3.05 -6.85
C THR A 127 -11.62 2.34 -6.74
N SER A 128 -11.67 1.33 -5.88
CA SER A 128 -12.85 0.49 -5.73
C SER A 128 -13.16 0.27 -4.26
N VAL A 129 -14.39 0.56 -3.87
CA VAL A 129 -14.81 0.39 -2.48
C VAL A 129 -16.06 -0.49 -2.37
N GLU A 130 -16.09 -1.30 -1.32
CA GLU A 130 -17.23 -2.16 -1.02
C GLU A 130 -18.38 -1.32 -0.45
N GLU A 131 -19.61 -1.64 -0.83
CA GLU A 131 -20.77 -0.93 -0.31
C GLU A 131 -21.04 -1.26 1.16
N ASN A 132 -21.82 -0.40 1.81
CA ASN A 132 -22.18 -0.57 3.21
C ASN A 132 -20.94 -0.73 4.09
N THR A 133 -19.85 -0.14 3.62
CA THR A 133 -18.59 -0.10 4.35
C THR A 133 -18.23 1.35 4.63
N VAL A 134 -17.57 1.60 5.75
CA VAL A 134 -17.25 2.96 6.15
C VAL A 134 -16.01 2.99 7.05
N ASP A 135 -15.38 4.15 7.13
CA ASP A 135 -14.19 4.38 7.95
C ASP A 135 -13.03 3.49 7.49
N VAL A 136 -12.71 3.63 6.21
CA VAL A 136 -11.58 2.92 5.60
C VAL A 136 -11.01 3.78 4.50
N GLU A 137 -9.69 3.75 4.34
CA GLU A 137 -9.03 4.49 3.29
C GLU A 137 -9.08 3.68 1.99
N ILE A 138 -9.40 4.38 0.89
CA ILE A 138 -9.61 3.73 -0.40
C ILE A 138 -8.57 4.17 -1.42
N LEU A 139 -7.74 5.14 -1.04
CA LEU A 139 -6.73 5.66 -1.97
C LEU A 139 -5.67 6.49 -1.27
N ARG A 140 -4.44 6.40 -1.77
CA ARG A 140 -3.34 7.24 -1.33
C ARG A 140 -2.67 7.91 -2.53
N VAL A 141 -2.85 9.23 -2.61
CA VAL A 141 -2.26 10.03 -3.68
C VAL A 141 -1.03 10.76 -3.16
N THR A 142 0.00 10.82 -4.00
CA THR A 142 1.24 11.48 -3.65
C THR A 142 1.49 12.68 -4.57
N VAL A 143 2.17 13.69 -4.03
CA VAL A 143 2.43 14.93 -4.77
C VAL A 143 3.93 15.17 -4.95
N GLU A 144 4.27 15.90 -6.00
CA GLU A 144 5.64 16.32 -6.25
C GLU A 144 5.77 17.75 -5.78
N ASP A 145 6.72 18.00 -4.89
CA ASP A 145 7.03 19.35 -4.45
C ASP A 145 8.53 19.47 -4.26
N LYS A 146 9.14 20.38 -5.02
CA LYS A 146 10.59 20.49 -5.05
C LYS A 146 11.14 21.38 -3.93
N ASP A 147 10.25 21.93 -3.11
CA ASP A 147 10.70 22.78 -2.01
C ASP A 147 11.26 21.92 -0.89
N LEU A 148 11.72 22.58 0.17
CA LEU A 148 12.46 21.91 1.23
C LEU A 148 11.58 21.04 2.12
N VAL A 149 11.95 19.77 2.25
CA VAL A 149 11.13 18.80 2.97
C VAL A 149 10.88 19.20 4.43
N ASN A 150 9.74 18.77 4.95
CA ASN A 150 9.34 19.03 6.33
C ASN A 150 9.21 20.52 6.68
N THR A 151 8.69 21.30 5.74
CA THR A 151 8.41 22.72 5.97
C THR A 151 7.06 23.10 5.38
N ALA A 152 6.52 24.25 5.81
CA ALA A 152 5.22 24.72 5.34
C ALA A 152 5.23 25.02 3.84
N ASN A 153 6.42 25.08 3.25
CA ASN A 153 6.55 25.29 1.81
C ASN A 153 6.45 23.98 1.05
N TRP A 154 6.40 22.87 1.78
CA TRP A 154 6.46 21.54 1.19
C TRP A 154 5.22 20.70 1.45
N ARG A 155 4.84 20.57 2.71
CA ARG A 155 3.78 19.65 3.10
C ARG A 155 2.42 20.06 2.56
N ALA A 156 1.62 19.06 2.20
CA ALA A 156 0.37 19.30 1.47
C ALA A 156 -0.83 19.48 2.41
N ASN A 157 -1.88 20.06 1.83
CA ASN A 157 -3.05 20.58 2.54
C ASN A 157 -4.23 20.29 1.59
N TYR A 158 -4.83 19.11 1.72
CA TYR A 158 -5.76 18.61 0.68
C TYR A 158 -7.22 18.97 0.85
N THR A 159 -7.93 18.96 -0.28
CA THR A 159 -9.36 19.25 -0.31
C THR A 159 -10.07 18.50 -1.43
N ILE A 160 -11.30 18.11 -1.17
CA ILE A 160 -12.18 17.59 -2.22
C ILE A 160 -13.01 18.76 -2.75
N LEU A 161 -12.69 19.18 -3.97
CA LEU A 161 -13.28 20.38 -4.52
C LEU A 161 -14.74 20.18 -4.89
N LYS A 162 -15.01 19.13 -5.67
CA LYS A 162 -16.36 18.86 -6.14
C LYS A 162 -16.64 17.36 -6.22
N GLY A 163 -17.91 16.99 -6.13
CA GLY A 163 -18.35 15.61 -6.24
C GLY A 163 -18.71 14.99 -4.90
N ASN A 164 -18.28 15.63 -3.82
CA ASN A 164 -18.53 15.13 -2.47
C ASN A 164 -19.66 15.88 -1.77
N GLU A 165 -20.74 16.13 -2.50
CA GLU A 165 -21.87 16.89 -1.96
C GLU A 165 -22.61 16.13 -0.85
N ASN A 166 -22.80 14.83 -1.01
CA ASN A 166 -23.55 14.04 -0.03
C ASN A 166 -22.66 13.73 1.18
N GLY A 167 -21.40 14.15 1.12
CA GLY A 167 -20.49 14.02 2.25
C GLY A 167 -20.00 12.61 2.51
N ASN A 168 -20.01 11.78 1.47
CA ASN A 168 -19.61 10.38 1.60
C ASN A 168 -18.11 10.23 1.88
N PHE A 169 -17.30 11.13 1.33
CA PHE A 169 -15.85 11.01 1.40
C PHE A 169 -15.19 12.12 2.22
N LYS A 170 -13.99 11.80 2.72
CA LYS A 170 -13.17 12.72 3.48
C LYS A 170 -11.72 12.57 3.07
N ILE A 171 -11.04 13.68 2.82
CA ILE A 171 -9.60 13.64 2.54
C ILE A 171 -8.79 14.35 3.62
N VAL A 172 -7.72 13.70 4.05
CA VAL A 172 -6.80 14.26 5.04
C VAL A 172 -5.39 13.97 4.53
N THR A 173 -4.38 14.60 5.13
CA THR A 173 -2.99 14.42 4.69
C THR A 173 -2.17 13.71 5.77
N ASP A 174 -1.42 12.69 5.35
CA ASP A 174 -0.57 11.93 6.26
C ASP A 174 0.63 12.75 6.68
N ALA A 175 0.81 12.91 7.98
CA ALA A 175 1.90 13.70 8.52
C ALA A 175 3.27 13.06 8.29
N LYS A 176 3.34 11.73 8.25
CA LYS A 176 4.62 11.04 8.15
C LYS A 176 5.23 11.06 6.75
N THR A 177 4.37 11.03 5.72
CA THR A 177 4.84 10.84 4.34
C THR A 177 4.27 11.86 3.35
N ASN A 178 3.40 12.74 3.83
CA ASN A 178 2.88 13.85 3.04
C ASN A 178 1.94 13.45 1.90
N GLU A 179 1.61 12.17 1.79
CA GLU A 179 0.64 11.74 0.78
C GLU A 179 -0.77 11.96 1.32
N GLY A 180 -1.70 12.24 0.41
CA GLY A 180 -3.08 12.47 0.78
C GLY A 180 -3.86 11.18 0.86
N VAL A 181 -4.73 11.07 1.86
CA VAL A 181 -5.51 9.86 2.08
C VAL A 181 -7.00 10.10 1.92
N LEU A 182 -7.62 9.35 1.01
CA LEU A 182 -9.05 9.45 0.76
C LEU A 182 -9.82 8.40 1.57
N CYS A 183 -10.69 8.87 2.47
CA CYS A 183 -11.44 7.98 3.35
C CYS A 183 -12.93 8.04 3.06
N VAL A 184 -13.58 6.89 3.17
CA VAL A 184 -15.04 6.82 3.08
C VAL A 184 -15.58 6.98 4.49
N VAL A 185 -16.51 7.92 4.67
CA VAL A 185 -17.02 8.25 6.01
C VAL A 185 -18.55 8.15 6.11
N LYS A 186 -19.19 7.86 4.99
CA LYS A 186 -20.60 7.44 4.98
C LYS A 186 -20.69 6.24 4.06
N PRO A 187 -21.46 5.20 4.46
CA PRO A 187 -21.50 4.02 3.60
C PRO A 187 -22.14 4.31 2.25
N LEU A 188 -21.75 3.54 1.25
CA LEU A 188 -22.26 3.70 -0.10
C LEU A 188 -23.20 2.55 -0.42
N ASN A 189 -24.04 2.76 -1.43
CA ASN A 189 -25.02 1.76 -1.82
C ASN A 189 -24.96 1.49 -3.31
N TYR A 190 -24.44 0.32 -3.69
CA TYR A 190 -24.26 -0.01 -5.09
C TYR A 190 -25.56 0.12 -5.89
N GLU A 191 -26.70 0.01 -5.20
CA GLU A 191 -27.99 0.04 -5.87
C GLU A 191 -28.46 1.45 -6.20
N GLU A 192 -27.92 2.44 -5.49
CA GLU A 192 -28.21 3.84 -5.79
C GLU A 192 -27.21 4.37 -6.81
N LYS A 193 -25.94 4.25 -6.47
CA LYS A 193 -24.85 4.74 -7.31
C LYS A 193 -23.72 3.71 -7.36
N GLN A 194 -23.43 3.23 -8.57
CA GLN A 194 -22.39 2.24 -8.79
C GLN A 194 -21.01 2.87 -8.91
N GLN A 195 -20.98 4.18 -9.18
CA GLN A 195 -19.73 4.89 -9.42
C GLN A 195 -19.87 6.34 -8.98
N MET A 196 -18.83 6.89 -8.37
CA MET A 196 -18.84 8.28 -7.93
C MET A 196 -17.55 8.99 -8.35
N ILE A 197 -17.68 10.03 -9.16
CA ILE A 197 -16.55 10.83 -9.58
C ILE A 197 -16.46 12.11 -8.76
N LEU A 198 -15.27 12.35 -8.19
CA LEU A 198 -15.01 13.58 -7.46
C LEU A 198 -13.72 14.22 -7.96
N GLN A 199 -13.48 15.47 -7.59
CA GLN A 199 -12.24 16.16 -7.95
C GLN A 199 -11.52 16.70 -6.71
N ILE A 200 -10.26 16.31 -6.56
CA ILE A 200 -9.45 16.73 -5.41
C ILE A 200 -8.41 17.78 -5.80
N GLY A 201 -7.97 18.57 -4.82
CA GLY A 201 -6.97 19.60 -5.02
C GLY A 201 -5.96 19.63 -3.90
N VAL A 202 -4.83 20.31 -4.14
CA VAL A 202 -3.75 20.35 -3.15
C VAL A 202 -3.01 21.69 -3.16
N VAL A 203 -2.64 22.14 -1.95
CA VAL A 203 -1.83 23.33 -1.77
C VAL A 203 -0.88 23.09 -0.60
N ASN A 204 0.07 23.99 -0.40
CA ASN A 204 0.94 23.93 0.78
C ASN A 204 0.28 24.66 1.94
N GLU A 205 0.83 24.49 3.14
CA GLU A 205 0.38 25.29 4.26
C GLU A 205 0.67 26.75 3.96
N ALA A 206 1.90 26.99 3.51
CA ALA A 206 2.35 28.33 3.16
C ALA A 206 1.84 28.71 1.77
N PRO A 207 1.52 30.00 1.58
CA PRO A 207 1.10 30.47 0.25
C PRO A 207 2.27 30.50 -0.73
N PHE A 208 1.97 30.44 -2.03
CA PHE A 208 2.99 30.49 -3.08
C PHE A 208 3.80 31.79 -2.90
N SER A 209 5.04 31.80 -3.38
CA SER A 209 5.93 32.95 -3.20
C SER A 209 5.18 34.28 -3.37
N ARG A 210 5.54 35.26 -2.56
CA ARG A 210 4.76 36.49 -2.40
C ARG A 210 4.29 37.20 -3.69
N GLU A 211 5.22 37.48 -4.61
CA GLU A 211 4.88 38.29 -5.79
C GLU A 211 4.24 37.45 -6.90
N ALA A 212 3.69 36.30 -6.53
CA ALA A 212 3.14 35.37 -7.51
C ALA A 212 1.97 35.97 -8.29
N SER A 213 1.98 35.77 -9.61
CA SER A 213 0.86 36.12 -10.46
C SER A 213 0.31 34.93 -11.27
N PRO A 214 -0.04 33.81 -10.60
CA PRO A 214 -0.59 32.68 -11.33
C PRO A 214 -2.08 32.53 -11.08
N ARG A 215 -2.66 33.47 -10.34
CA ARG A 215 -4.00 33.31 -9.78
C ARG A 215 -4.04 31.98 -9.06
N SER A 216 -4.96 31.11 -9.45
CA SER A 216 -4.93 29.72 -9.03
C SER A 216 -4.44 28.85 -10.18
N ALA A 217 -3.17 28.48 -10.13
CA ALA A 217 -2.62 27.45 -11.00
C ALA A 217 -2.57 26.16 -10.19
N MET A 218 -3.50 26.03 -9.26
CA MET A 218 -3.53 24.92 -8.33
C MET A 218 -3.73 23.59 -9.04
N SER A 219 -3.00 22.58 -8.57
CA SER A 219 -3.10 21.24 -9.13
C SER A 219 -4.41 20.59 -8.70
N THR A 220 -5.03 19.86 -9.64
CA THR A 220 -6.25 19.15 -9.34
C THR A 220 -6.15 17.75 -9.94
N ALA A 221 -7.00 16.85 -9.45
CA ALA A 221 -7.04 15.50 -9.97
C ALA A 221 -8.43 14.92 -9.81
N THR A 222 -8.83 14.11 -10.78
CA THR A 222 -10.12 13.45 -10.74
C THR A 222 -9.94 12.06 -10.14
N VAL A 223 -10.92 11.67 -9.32
CA VAL A 223 -10.93 10.34 -8.72
C VAL A 223 -12.23 9.65 -9.05
N THR A 224 -12.12 8.50 -9.71
CA THR A 224 -13.28 7.66 -9.98
C THR A 224 -13.35 6.60 -8.91
N VAL A 225 -14.45 6.60 -8.15
CA VAL A 225 -14.64 5.59 -7.11
C VAL A 225 -15.71 4.61 -7.58
N ASN A 226 -15.30 3.37 -7.83
CA ASN A 226 -16.24 2.33 -8.23
C ASN A 226 -16.77 1.58 -7.00
N VAL A 227 -18.07 1.66 -6.78
CA VAL A 227 -18.67 0.94 -5.67
C VAL A 227 -18.81 -0.54 -6.01
N GLU A 228 -18.42 -1.40 -5.08
CA GLU A 228 -18.56 -2.85 -5.26
C GLU A 228 -19.87 -3.35 -4.68
N ASP A 229 -20.50 -4.26 -5.42
CA ASP A 229 -21.75 -4.87 -5.01
C ASP A 229 -21.53 -5.97 -3.97
N GLN A 230 -22.27 -5.91 -2.87
CA GLN A 230 -22.36 -7.00 -1.91
C GLN A 230 -23.66 -7.75 -2.12
N ASP A 231 -23.61 -9.08 -2.03
CA ASP A 231 -24.82 -9.88 -2.09
C ASP A 231 -25.57 -9.68 -0.78
N GLU A 232 -26.57 -8.81 -0.79
CA GLU A 232 -27.30 -8.45 0.43
C GLU A 232 -28.56 -9.29 0.62
N GLY A 233 -29.10 -9.23 1.83
CA GLY A 233 -30.28 -9.98 2.19
C GLY A 233 -31.58 -9.27 1.84
N PRO A 234 -32.71 -9.86 2.21
CA PRO A 234 -34.04 -9.36 1.85
C PRO A 234 -34.31 -7.98 2.41
N GLU A 235 -35.07 -7.17 1.67
CA GLU A 235 -35.40 -5.81 2.09
C GLU A 235 -36.89 -5.65 2.27
N CYS A 236 -37.29 -5.03 3.39
CA CYS A 236 -38.70 -4.84 3.70
C CYS A 236 -39.08 -3.40 3.36
N ASN A 237 -39.15 -3.13 2.07
CA ASN A 237 -39.52 -1.81 1.57
C ASN A 237 -40.85 -1.86 0.81
N PRO A 238 -41.85 -1.05 1.22
CA PRO A 238 -41.83 -0.13 2.37
C PRO A 238 -41.84 -0.88 3.70
N PRO A 239 -41.30 -0.27 4.77
CA PRO A 239 -41.28 -0.93 6.08
C PRO A 239 -42.69 -1.21 6.58
N ILE A 240 -43.64 -0.41 6.09
CA ILE A 240 -45.04 -0.63 6.38
C ILE A 240 -45.78 -0.79 5.06
N GLN A 241 -46.34 -1.98 4.86
CA GLN A 241 -47.15 -2.28 3.69
C GLN A 241 -48.58 -2.45 4.17
N THR A 242 -49.53 -2.23 3.26
CA THR A 242 -50.94 -2.24 3.62
C THR A 242 -51.75 -3.13 2.69
N VAL A 243 -52.78 -3.74 3.25
CA VAL A 243 -53.68 -4.60 2.49
C VAL A 243 -55.11 -4.38 2.96
N ARG A 244 -56.06 -4.57 2.05
CA ARG A 244 -57.46 -4.40 2.35
C ARG A 244 -58.17 -5.74 2.45
N MET A 245 -59.14 -5.84 3.35
CA MET A 245 -59.86 -7.10 3.56
C MET A 245 -61.24 -6.84 4.15
N LYS A 246 -62.26 -7.39 3.51
CA LYS A 246 -63.63 -7.24 3.99
C LYS A 246 -63.77 -7.85 5.38
N GLU A 247 -64.33 -7.06 6.29
CA GLU A 247 -64.48 -7.45 7.69
C GLU A 247 -65.25 -8.76 7.84
N ASN A 248 -66.18 -9.00 6.91
CA ASN A 248 -67.04 -10.18 6.97
C ASN A 248 -66.55 -11.31 6.08
N ALA A 249 -65.24 -11.34 5.82
CA ALA A 249 -64.66 -12.38 4.99
C ALA A 249 -64.88 -13.76 5.58
N GLU A 250 -65.08 -14.74 4.71
CA GLU A 250 -65.28 -16.12 5.14
C GLU A 250 -63.94 -16.71 5.57
N VAL A 251 -63.98 -17.65 6.51
CA VAL A 251 -62.77 -18.33 6.95
C VAL A 251 -62.19 -19.14 5.79
N GLY A 252 -60.87 -19.06 5.62
CA GLY A 252 -60.17 -19.75 4.55
C GLY A 252 -59.78 -18.86 3.39
N THR A 253 -60.30 -17.64 3.36
CA THR A 253 -59.97 -16.69 2.29
C THR A 253 -58.55 -16.14 2.42
N THR A 254 -57.77 -16.27 1.34
CA THR A 254 -56.37 -15.85 1.36
C THR A 254 -56.21 -14.43 0.83
N SER A 255 -55.00 -13.91 0.94
CA SER A 255 -54.67 -12.57 0.47
C SER A 255 -53.15 -12.36 0.50
N ASN A 256 -52.65 -11.50 -0.38
CA ASN A 256 -51.24 -11.13 -0.35
C ASN A 256 -50.87 -10.60 1.02
N GLY A 257 -49.75 -11.07 1.55
CA GLY A 257 -49.28 -10.65 2.86
C GLY A 257 -48.18 -9.63 2.71
N TYR A 258 -47.22 -9.65 3.64
CA TYR A 258 -46.07 -8.76 3.51
C TYR A 258 -45.18 -9.30 2.40
N LYS A 259 -44.55 -8.39 1.67
CA LYS A 259 -43.66 -8.77 0.56
C LYS A 259 -42.29 -8.15 0.74
N ALA A 260 -41.28 -9.01 0.76
CA ALA A 260 -39.88 -8.58 0.80
C ALA A 260 -39.18 -9.03 -0.48
N TYR A 261 -38.21 -8.24 -0.95
CA TYR A 261 -37.49 -8.57 -2.17
C TYR A 261 -35.98 -8.54 -1.95
N ASP A 262 -35.25 -9.15 -2.88
CA ASP A 262 -33.80 -9.12 -2.86
C ASP A 262 -33.33 -7.83 -3.54
N PRO A 263 -32.38 -7.10 -2.92
CA PRO A 263 -31.94 -5.84 -3.54
C PRO A 263 -31.31 -6.02 -4.91
N GLU A 264 -30.54 -7.09 -5.10
CA GLU A 264 -29.90 -7.37 -6.38
C GLU A 264 -30.91 -7.83 -7.42
N THR A 265 -31.65 -8.89 -7.09
CA THR A 265 -32.56 -9.53 -8.03
C THR A 265 -33.88 -8.79 -8.21
N ARG A 266 -34.29 -8.05 -7.17
CA ARG A 266 -35.61 -7.40 -7.13
C ARG A 266 -36.74 -8.43 -7.18
N SER A 267 -36.39 -9.70 -6.92
CA SER A 267 -37.36 -10.79 -6.92
C SER A 267 -37.69 -11.21 -5.50
N SER A 268 -38.82 -11.88 -5.34
CA SER A 268 -39.30 -12.31 -4.03
C SER A 268 -39.12 -13.81 -3.81
N SER A 269 -38.62 -14.50 -4.83
CA SER A 269 -38.42 -15.94 -4.74
C SER A 269 -37.43 -16.28 -3.63
N GLY A 270 -37.53 -17.49 -3.10
CA GLY A 270 -36.61 -17.96 -2.08
C GLY A 270 -36.87 -17.39 -0.69
N ILE A 271 -37.65 -16.33 -0.62
CA ILE A 271 -37.94 -15.68 0.65
C ILE A 271 -39.07 -16.40 1.40
N ARG A 272 -38.79 -16.79 2.63
CA ARG A 272 -39.78 -17.44 3.49
C ARG A 272 -40.12 -16.54 4.66
N TYR A 273 -41.41 -16.47 4.97
CA TYR A 273 -41.93 -15.55 5.99
C TYR A 273 -42.36 -16.27 7.26
N LYS A 274 -42.50 -15.50 8.34
CA LYS A 274 -42.74 -16.07 9.64
C LYS A 274 -43.39 -14.99 10.49
N LYS A 275 -44.43 -15.35 11.23
CA LYS A 275 -45.17 -14.37 12.01
C LYS A 275 -44.43 -14.05 13.29
N LEU A 276 -44.30 -12.76 13.58
CA LEU A 276 -43.73 -12.30 14.85
C LEU A 276 -44.83 -11.88 15.80
N THR A 277 -45.32 -10.65 15.64
CA THR A 277 -46.34 -10.11 16.52
C THR A 277 -47.71 -10.19 15.88
N ASP A 278 -48.70 -10.55 16.69
CA ASP A 278 -50.09 -10.63 16.28
C ASP A 278 -50.94 -10.64 17.55
N PRO A 279 -51.59 -9.52 17.86
CA PRO A 279 -52.29 -9.43 19.16
C PRO A 279 -53.64 -10.15 19.17
N THR A 280 -54.10 -10.61 18.00
CA THR A 280 -55.44 -11.16 17.89
C THR A 280 -55.48 -12.62 17.46
N GLY A 281 -54.68 -12.99 16.46
CA GLY A 281 -54.56 -14.36 16.02
C GLY A 281 -55.65 -14.79 15.05
N TRP A 282 -56.08 -13.86 14.20
CA TRP A 282 -57.14 -14.15 13.23
C TRP A 282 -56.59 -14.76 11.95
N VAL A 283 -55.38 -14.36 11.56
CA VAL A 283 -54.80 -14.80 10.29
C VAL A 283 -53.54 -15.62 10.52
N THR A 284 -53.17 -16.41 9.51
CA THR A 284 -51.92 -17.15 9.52
C THR A 284 -51.13 -16.85 8.26
N ILE A 285 -49.82 -17.03 8.32
CA ILE A 285 -48.94 -16.77 7.20
C ILE A 285 -48.46 -18.06 6.56
N ASP A 286 -48.53 -18.12 5.23
CA ASP A 286 -47.92 -19.22 4.49
C ASP A 286 -46.43 -18.94 4.43
N GLU A 287 -45.64 -19.85 5.00
CA GLU A 287 -44.21 -19.65 5.15
C GLU A 287 -43.48 -19.46 3.84
N ASN A 288 -43.93 -20.14 2.79
CA ASN A 288 -43.24 -20.11 1.49
C ASN A 288 -43.65 -18.94 0.60
N THR A 289 -44.92 -18.56 0.66
CA THR A 289 -45.47 -17.57 -0.27
C THR A 289 -45.63 -16.21 0.41
N GLY A 290 -45.77 -16.22 1.72
CA GLY A 290 -45.97 -15.00 2.48
C GLY A 290 -47.41 -14.53 2.47
N SER A 291 -48.27 -15.24 1.74
CA SER A 291 -49.70 -14.93 1.72
C SER A 291 -50.31 -15.21 3.09
N ILE A 292 -51.38 -14.49 3.41
CA ILE A 292 -52.06 -14.69 4.68
C ILE A 292 -53.41 -15.36 4.46
N LYS A 293 -53.82 -16.18 5.43
CA LYS A 293 -55.09 -16.89 5.36
C LYS A 293 -55.94 -16.63 6.60
N VAL A 294 -57.22 -16.33 6.40
CA VAL A 294 -58.13 -16.10 7.51
C VAL A 294 -58.42 -17.42 8.22
N PHE A 295 -58.25 -17.41 9.54
CA PHE A 295 -58.39 -18.61 10.35
C PHE A 295 -59.63 -18.49 11.24
N ARG A 296 -59.86 -17.28 11.73
CA ARG A 296 -61.09 -16.98 12.47
C ARG A 296 -61.68 -15.70 11.89
N SER A 297 -63.00 -15.54 12.00
CA SER A 297 -63.68 -14.39 11.42
C SER A 297 -63.11 -13.08 11.95
N LEU A 298 -62.95 -12.11 11.06
CA LEU A 298 -62.42 -10.81 11.44
C LEU A 298 -63.53 -9.96 12.07
N ASP A 299 -63.14 -8.92 12.79
CA ASP A 299 -64.07 -8.00 13.41
C ASP A 299 -63.43 -6.62 13.51
N ARG A 300 -63.91 -5.69 12.69
CA ARG A 300 -63.36 -4.33 12.69
C ARG A 300 -63.58 -3.66 14.03
N GLU A 301 -64.65 -4.04 14.72
CA GLU A 301 -65.06 -3.36 15.94
C GLU A 301 -64.53 -4.03 17.21
N ALA A 302 -63.67 -5.04 17.05
CA ALA A 302 -63.06 -5.70 18.19
C ALA A 302 -62.20 -4.72 18.98
N GLU A 303 -61.99 -4.99 20.26
CA GLU A 303 -61.27 -4.06 21.13
C GLU A 303 -59.76 -4.23 21.07
N THR A 304 -59.29 -5.33 20.49
CA THR A 304 -57.85 -5.53 20.31
C THR A 304 -57.39 -4.72 19.11
N ILE A 305 -58.33 -4.37 18.24
CA ILE A 305 -58.05 -3.53 17.09
C ILE A 305 -58.29 -2.07 17.45
N LYS A 306 -57.53 -1.17 16.81
CA LYS A 306 -57.78 0.25 16.92
C LYS A 306 -57.72 0.86 15.51
N ASN A 307 -58.63 1.80 15.25
CA ASN A 307 -58.72 2.48 13.96
C ASN A 307 -59.09 1.52 12.82
N GLY A 308 -59.63 0.36 13.16
CA GLY A 308 -60.04 -0.60 12.17
C GLY A 308 -58.90 -1.15 11.33
N ILE A 309 -57.69 -1.16 11.89
CA ILE A 309 -56.53 -1.70 11.20
C ILE A 309 -55.91 -2.80 12.05
N TYR A 310 -55.65 -3.95 11.44
CA TYR A 310 -55.22 -5.15 12.15
C TYR A 310 -53.79 -5.50 11.75
N ASN A 311 -52.86 -5.24 12.65
CA ASN A 311 -51.43 -5.33 12.35
C ASN A 311 -50.68 -6.53 12.87
N ILE A 312 -49.94 -7.16 11.97
CA ILE A 312 -49.00 -8.21 12.31
C ILE A 312 -47.62 -7.79 11.79
N THR A 313 -46.58 -8.09 12.56
CA THR A 313 -45.22 -7.87 12.10
C THR A 313 -44.68 -9.18 11.58
N VAL A 314 -43.91 -9.13 10.51
CA VAL A 314 -43.46 -10.35 9.84
C VAL A 314 -41.94 -10.39 9.70
N LEU A 315 -41.41 -11.61 9.74
CA LEU A 315 -39.97 -11.85 9.61
C LEU A 315 -39.66 -12.51 8.29
N ALA A 316 -39.15 -11.73 7.34
CA ALA A 316 -38.71 -12.27 6.06
C ALA A 316 -37.31 -12.83 6.21
N SER A 317 -37.03 -13.91 5.50
CA SER A 317 -35.72 -14.57 5.55
C SER A 317 -35.39 -15.12 4.19
N ASP A 318 -34.14 -14.95 3.76
CA ASP A 318 -33.71 -15.53 2.50
C ASP A 318 -33.06 -16.87 2.82
N GLN A 319 -32.68 -17.60 1.78
CA GLN A 319 -32.19 -18.96 1.98
C GLN A 319 -30.86 -19.00 2.73
N GLY A 320 -30.19 -17.86 2.82
CA GLY A 320 -28.91 -17.79 3.50
C GLY A 320 -29.02 -17.64 5.01
N GLY A 321 -30.14 -17.10 5.47
CA GLY A 321 -30.41 -17.00 6.89
C GLY A 321 -30.39 -15.58 7.41
N ARG A 322 -30.31 -14.60 6.51
CA ARG A 322 -30.30 -13.21 6.91
C ARG A 322 -31.71 -12.64 6.80
N THR A 323 -31.99 -11.67 7.66
CA THR A 323 -33.36 -11.30 8.00
C THR A 323 -33.77 -9.86 7.72
N CYS A 324 -35.07 -9.64 7.84
CA CYS A 324 -35.72 -8.40 7.50
C CYS A 324 -37.10 -8.40 8.14
N THR A 325 -37.47 -7.33 8.84
CA THR A 325 -38.76 -7.29 9.53
C THR A 325 -39.59 -6.13 8.99
N GLY A 326 -40.87 -6.39 8.82
CA GLY A 326 -41.79 -5.40 8.29
C GLY A 326 -43.10 -5.40 9.04
N THR A 327 -43.96 -4.45 8.71
CA THR A 327 -45.27 -4.35 9.31
C THR A 327 -46.36 -4.39 8.25
N LEU A 328 -47.26 -5.36 8.40
CA LEU A 328 -48.40 -5.50 7.49
C LEU A 328 -49.64 -4.92 8.14
N GLY A 329 -50.19 -3.87 7.53
CA GLY A 329 -51.41 -3.26 8.02
C GLY A 329 -52.62 -3.78 7.27
N ILE A 330 -53.45 -4.56 7.94
CA ILE A 330 -54.64 -5.11 7.33
C ILE A 330 -55.82 -4.17 7.55
N ILE A 331 -56.24 -3.49 6.48
CA ILE A 331 -57.41 -2.62 6.54
C ILE A 331 -58.66 -3.48 6.54
N LEU A 332 -59.41 -3.42 7.64
CA LEU A 332 -60.69 -4.11 7.71
C LEU A 332 -61.75 -3.17 7.18
N GLN A 333 -62.18 -3.40 5.95
CA GLN A 333 -63.20 -2.54 5.35
C GLN A 333 -64.50 -2.84 6.07
N ASP A 334 -65.14 -1.80 6.60
CA ASP A 334 -66.30 -1.97 7.44
C ASP A 334 -67.52 -2.50 6.71
N VAL A 335 -68.30 -3.30 7.42
CA VAL A 335 -69.58 -3.79 6.94
C VAL A 335 -70.60 -3.47 8.03
N ASN A 336 -71.72 -2.84 7.66
CA ASN A 336 -72.70 -2.46 8.66
C ASN A 336 -73.34 -3.70 9.28
N ASP A 337 -72.71 -4.18 10.35
CA ASP A 337 -73.16 -5.39 11.04
C ASP A 337 -73.33 -5.11 12.53
N ASN A 338 -73.44 -3.84 12.89
CA ASN A 338 -73.61 -3.46 14.29
C ASN A 338 -74.71 -2.42 14.49
N SER A 339 -75.55 -2.67 15.49
CA SER A 339 -76.61 -1.76 15.90
C SER A 339 -76.09 -0.75 16.91
N PRO A 340 -76.85 0.33 17.15
CA PRO A 340 -76.45 1.32 18.17
C PRO A 340 -76.34 0.70 19.56
N PHE A 341 -75.79 1.45 20.50
CA PHE A 341 -75.53 0.94 21.85
C PHE A 341 -75.59 2.06 22.88
N ILE A 342 -75.87 1.70 24.13
CA ILE A 342 -75.94 2.68 25.21
C ILE A 342 -74.64 2.71 26.00
N PRO A 343 -73.95 3.86 26.00
CA PRO A 343 -72.69 3.96 26.75
C PRO A 343 -72.88 3.61 28.23
N LYS A 344 -73.87 4.25 28.85
CA LYS A 344 -74.15 4.08 30.29
C LYS A 344 -75.57 3.61 30.61
N LYS A 345 -75.69 2.62 31.48
CA LYS A 345 -76.97 1.94 31.72
C LYS A 345 -77.81 2.52 32.87
N THR A 346 -77.21 3.36 33.71
CA THR A 346 -77.93 3.96 34.83
C THR A 346 -77.78 5.47 34.83
N VAL A 347 -78.90 6.18 34.79
CA VAL A 347 -78.87 7.64 34.84
C VAL A 347 -79.63 8.08 36.08
N ILE A 348 -79.11 9.12 36.72
CA ILE A 348 -79.70 9.66 37.93
C ILE A 348 -80.17 11.07 37.63
N ILE A 349 -81.49 11.23 37.61
CA ILE A 349 -82.10 12.52 37.33
C ILE A 349 -82.75 13.02 38.60
N CYS A 350 -82.52 14.29 38.92
CA CYS A 350 -83.11 14.86 40.11
C CYS A 350 -84.46 15.44 39.73
N LYS A 351 -85.46 15.04 40.51
CA LYS A 351 -86.84 15.39 40.24
C LYS A 351 -87.12 16.87 40.54
N PRO A 352 -86.50 17.42 41.61
CA PRO A 352 -86.82 18.81 41.98
C PRO A 352 -85.91 19.89 41.37
N THR A 353 -84.94 19.53 40.53
CA THR A 353 -84.03 20.52 39.95
C THR A 353 -83.73 20.33 38.46
N MET A 354 -84.11 19.17 37.91
CA MET A 354 -83.92 18.89 36.49
C MET A 354 -85.26 18.44 35.92
N SER A 355 -85.37 18.40 34.60
CA SER A 355 -86.59 17.93 33.95
C SER A 355 -86.30 16.83 32.93
N SER A 356 -85.02 16.50 32.75
CA SER A 356 -84.62 15.46 31.79
C SER A 356 -83.15 15.06 31.92
N ALA A 357 -82.80 13.95 31.28
CA ALA A 357 -81.42 13.47 31.19
C ALA A 357 -80.96 13.46 29.74
N GLU A 358 -79.64 13.44 29.55
CA GLU A 358 -79.08 13.27 28.21
C GLU A 358 -78.68 11.81 28.00
N ILE A 359 -79.18 11.22 26.93
CA ILE A 359 -78.86 9.85 26.56
C ILE A 359 -78.30 9.83 25.14
N VAL A 360 -77.05 9.43 25.02
CA VAL A 360 -76.37 9.39 23.73
C VAL A 360 -76.21 7.95 23.30
N ALA A 361 -76.19 7.71 21.99
CA ALA A 361 -76.00 6.37 21.46
C ALA A 361 -74.71 6.35 20.66
N VAL A 362 -74.17 5.16 20.48
CA VAL A 362 -72.89 4.99 19.80
C VAL A 362 -72.98 3.81 18.84
N ASP A 363 -72.52 4.01 17.61
CA ASP A 363 -72.48 2.93 16.62
C ASP A 363 -71.03 2.57 16.32
N PRO A 364 -70.61 1.33 16.68
CA PRO A 364 -69.22 0.89 16.46
C PRO A 364 -68.76 1.00 15.00
N ASP A 365 -69.71 0.89 14.06
CA ASP A 365 -69.36 0.95 12.64
C ASP A 365 -68.89 2.34 12.24
N GLU A 366 -68.46 2.46 10.99
CA GLU A 366 -67.98 3.73 10.48
C GLU A 366 -69.15 4.72 10.33
N PRO A 367 -68.85 6.03 10.26
CA PRO A 367 -69.88 7.08 10.27
C PRO A 367 -71.00 6.85 9.27
N ILE A 368 -70.63 6.41 8.07
CA ILE A 368 -71.59 6.14 7.01
C ILE A 368 -72.61 5.10 7.45
N HIS A 369 -72.18 4.20 8.33
CA HIS A 369 -73.01 3.10 8.81
C HIS A 369 -73.43 3.31 10.26
N GLY A 370 -73.71 4.56 10.63
CA GLY A 370 -74.11 4.90 11.99
C GLY A 370 -75.21 5.95 12.02
N PRO A 371 -74.89 7.15 12.52
CA PRO A 371 -75.92 8.19 12.67
C PRO A 371 -76.45 8.68 11.32
N PRO A 372 -77.56 9.45 11.33
CA PRO A 372 -78.33 9.84 12.52
C PRO A 372 -79.16 8.70 13.10
N PHE A 373 -79.27 8.67 14.43
CA PHE A 373 -80.02 7.64 15.13
C PHE A 373 -81.46 8.04 15.36
N ASP A 374 -82.35 7.06 15.32
CA ASP A 374 -83.75 7.25 15.66
C ASP A 374 -84.04 6.57 17.00
N PHE A 375 -84.33 7.37 18.02
CA PHE A 375 -84.66 6.86 19.33
C PHE A 375 -86.16 6.56 19.40
N SER A 376 -86.53 5.50 20.10
CA SER A 376 -87.94 5.14 20.22
C SER A 376 -88.24 4.38 21.52
N LEU A 377 -89.53 4.36 21.88
CA LEU A 377 -90.01 3.62 23.05
C LEU A 377 -90.95 2.51 22.61
N GLU A 378 -90.72 1.99 21.40
CA GLU A 378 -91.59 1.00 20.78
C GLU A 378 -91.90 -0.22 21.66
N SER A 379 -90.87 -0.79 22.25
CA SER A 379 -91.01 -2.03 23.02
C SER A 379 -91.54 -1.81 24.43
N SER A 380 -91.93 -0.58 24.74
CA SER A 380 -92.30 -0.24 26.11
C SER A 380 -93.78 -0.46 26.37
N THR A 381 -94.12 -0.71 27.62
CA THR A 381 -95.52 -0.80 28.03
C THR A 381 -96.14 0.58 27.90
N SER A 382 -97.47 0.63 27.87
CA SER A 382 -98.19 1.90 27.76
C SER A 382 -97.99 2.76 29.02
N GLU A 383 -97.43 2.15 30.06
CA GLU A 383 -97.37 2.75 31.39
C GLU A 383 -96.18 3.68 31.60
N VAL A 384 -95.08 3.42 30.91
CA VAL A 384 -93.90 4.27 30.98
C VAL A 384 -93.95 5.36 29.90
N GLN A 385 -94.59 5.04 28.78
CA GLN A 385 -94.64 5.95 27.65
C GLN A 385 -95.49 7.20 27.95
N ARG A 386 -96.18 7.20 29.09
CA ARG A 386 -96.95 8.36 29.51
C ARG A 386 -96.13 9.29 30.41
N MET A 387 -95.19 8.72 31.15
CA MET A 387 -94.39 9.50 32.09
C MET A 387 -92.91 9.57 31.67
N TRP A 388 -92.66 9.24 30.40
CA TRP A 388 -91.33 9.38 29.82
C TRP A 388 -91.45 9.82 28.36
N ARG A 389 -90.79 10.93 28.02
CA ARG A 389 -90.72 11.40 26.63
C ARG A 389 -89.27 11.28 26.18
N LEU A 390 -89.08 11.05 24.87
CA LEU A 390 -87.76 11.18 24.29
C LEU A 390 -87.79 11.84 22.93
N LYS A 391 -86.89 12.79 22.76
CA LYS A 391 -86.67 13.44 21.48
C LYS A 391 -85.17 13.71 21.33
N ALA A 392 -84.65 13.46 20.14
CA ALA A 392 -83.23 13.67 19.88
C ALA A 392 -82.90 15.16 19.99
N ILE A 393 -81.82 15.50 20.70
CA ILE A 393 -81.40 16.90 20.81
C ILE A 393 -80.46 17.22 19.65
N ASN A 394 -79.87 16.19 19.06
CA ASN A 394 -79.21 16.27 17.76
C ASN A 394 -79.12 14.89 17.16
N ASP A 395 -78.21 14.70 16.21
CA ASP A 395 -78.19 13.46 15.45
C ASP A 395 -77.85 12.26 16.35
N THR A 396 -77.07 12.48 17.40
CA THR A 396 -76.69 11.39 18.32
C THR A 396 -76.88 11.72 19.80
N ALA A 397 -76.87 13.01 20.16
CA ALA A 397 -77.11 13.39 21.55
C ALA A 397 -78.65 13.34 21.64
N ALA A 398 -79.20 12.78 22.70
CA ALA A 398 -80.67 12.73 22.87
C ALA A 398 -81.09 12.97 24.32
N ARG A 399 -82.36 13.35 24.52
CA ARG A 399 -82.86 13.67 25.86
C ARG A 399 -84.09 12.89 26.34
N LEU A 400 -84.01 12.37 27.57
CA LEU A 400 -85.12 11.68 28.24
C LEU A 400 -85.76 12.54 29.33
N SER A 401 -86.94 13.09 29.05
CA SER A 401 -87.66 13.89 30.04
C SER A 401 -88.82 13.11 30.68
N TYR A 402 -89.24 13.55 31.87
CA TYR A 402 -90.44 13.01 32.50
C TYR A 402 -91.50 14.10 32.41
N GLN A 403 -92.65 13.74 31.84
CA GLN A 403 -93.71 14.72 31.57
C GLN A 403 -94.87 14.65 32.57
N ASN A 404 -95.29 13.43 32.93
CA ASN A 404 -96.24 13.26 34.02
C ASN A 404 -95.54 13.44 35.38
N ASP A 405 -96.18 13.01 36.45
CA ASP A 405 -95.64 13.13 37.80
C ASP A 405 -95.41 11.75 38.43
N PRO A 406 -94.24 11.14 38.16
CA PRO A 406 -93.93 9.81 38.70
C PRO A 406 -93.37 9.87 40.12
N PRO A 407 -93.47 8.77 40.88
CA PRO A 407 -92.91 8.78 42.24
C PRO A 407 -91.41 8.54 42.26
N PHE A 408 -90.78 8.82 43.40
CA PHE A 408 -89.34 8.62 43.55
C PHE A 408 -89.05 7.12 43.65
N GLY A 409 -88.08 6.65 42.87
CA GLY A 409 -87.70 5.24 42.89
C GLY A 409 -87.01 4.80 41.62
N SER A 410 -86.51 3.57 41.62
CA SER A 410 -85.80 3.02 40.46
C SER A 410 -86.73 2.30 39.48
N TYR A 411 -86.69 2.73 38.22
CA TYR A 411 -87.50 2.12 37.16
C TYR A 411 -86.65 1.36 36.16
N VAL A 412 -87.30 0.91 35.09
CA VAL A 412 -86.59 0.31 33.96
C VAL A 412 -87.27 0.71 32.66
N VAL A 413 -86.58 1.52 31.87
CA VAL A 413 -87.11 2.07 30.63
C VAL A 413 -86.35 1.50 29.44
N PRO A 414 -87.04 0.76 28.54
CA PRO A 414 -86.36 0.18 27.38
C PRO A 414 -86.28 1.11 26.17
N ILE A 415 -85.10 1.68 25.92
CA ILE A 415 -84.92 2.58 24.80
C ILE A 415 -84.43 1.80 23.59
N THR A 416 -85.26 1.76 22.54
CA THR A 416 -84.89 1.11 21.30
C THR A 416 -84.29 2.14 20.35
N VAL A 417 -83.01 1.96 20.02
CA VAL A 417 -82.32 2.86 19.12
C VAL A 417 -82.00 2.13 17.82
N ARG A 418 -82.23 2.81 16.70
CA ARG A 418 -81.90 2.29 15.39
C ARG A 418 -81.03 3.28 14.63
N ASP A 419 -80.22 2.77 13.73
CA ASP A 419 -79.27 3.59 12.99
C ASP A 419 -79.89 4.13 11.70
N ARG A 420 -79.05 4.74 10.87
CA ARG A 420 -79.49 5.32 9.61
C ARG A 420 -80.18 4.30 8.70
N LEU A 421 -79.75 3.04 8.80
CA LEU A 421 -80.24 2.00 7.90
C LEU A 421 -81.13 0.97 8.60
N GLY A 422 -81.39 1.18 9.89
CA GLY A 422 -82.40 0.40 10.59
C GLY A 422 -81.93 -0.75 11.46
N MET A 423 -80.61 -0.93 11.59
CA MET A 423 -80.11 -1.90 12.55
C MET A 423 -80.55 -1.45 13.94
N SER A 424 -81.42 -2.23 14.55
CA SER A 424 -82.07 -1.81 15.78
C SER A 424 -81.50 -2.54 17.00
N SER A 425 -81.65 -1.90 18.15
CA SER A 425 -81.15 -2.43 19.40
C SER A 425 -82.00 -1.87 20.53
N VAL A 426 -82.41 -2.74 21.44
CA VAL A 426 -83.20 -2.35 22.59
C VAL A 426 -82.36 -2.54 23.84
N THR A 427 -82.47 -1.59 24.77
CA THR A 427 -81.60 -1.56 25.94
C THR A 427 -82.33 -1.01 27.16
N SER A 428 -82.45 -1.84 28.20
CA SER A 428 -83.14 -1.45 29.42
C SER A 428 -82.25 -0.60 30.34
N LEU A 429 -82.72 0.60 30.67
CA LEU A 429 -82.00 1.50 31.55
C LEU A 429 -82.57 1.52 32.97
N ASP A 430 -81.69 1.38 33.96
CA ASP A 430 -82.10 1.56 35.35
C ASP A 430 -82.10 3.04 35.67
N VAL A 431 -83.21 3.71 35.38
CA VAL A 431 -83.34 5.13 35.65
C VAL A 431 -83.88 5.33 37.06
N THR A 432 -83.17 6.13 37.85
CA THR A 432 -83.60 6.44 39.21
C THR A 432 -83.99 7.91 39.28
N LEU A 433 -85.22 8.16 39.72
CA LEU A 433 -85.76 9.51 39.77
C LEU A 433 -85.87 9.98 41.23
N CYS A 434 -84.89 9.60 42.05
CA CYS A 434 -84.95 9.88 43.49
C CYS A 434 -84.91 11.38 43.79
N ASP A 435 -85.01 11.71 45.08
CA ASP A 435 -85.05 13.08 45.54
C ASP A 435 -83.63 13.67 45.75
N CYS A 436 -82.83 13.67 44.70
CA CYS A 436 -81.45 14.20 44.77
C CYS A 436 -81.40 15.71 44.52
N ILE A 437 -80.22 16.28 44.65
CA ILE A 437 -80.03 17.73 44.51
C ILE A 437 -79.03 18.09 43.41
N THR A 438 -77.84 17.49 43.46
CA THR A 438 -76.78 17.78 42.50
C THR A 438 -76.38 16.61 41.62
N GLU A 439 -77.22 15.58 41.51
CA GLU A 439 -76.91 14.38 40.72
C GLU A 439 -75.90 13.47 41.42
N ASN A 440 -75.33 13.95 42.51
CA ASN A 440 -74.29 13.23 43.23
C ASN A 440 -74.73 12.61 44.57
N ASP A 441 -76.02 12.70 44.87
CA ASP A 441 -76.56 12.13 46.11
C ASP A 441 -77.91 11.46 45.87
N CYS A 442 -77.89 10.21 45.39
CA CYS A 442 -79.12 9.50 45.07
C CYS A 442 -79.04 8.02 45.42
N THR A 443 -79.30 7.70 46.68
CA THR A 443 -79.25 6.32 47.14
C THR A 443 -80.60 5.88 47.71
N GLU B 1 86.77 26.27 -55.46
CA GLU B 1 85.85 27.39 -55.22
C GLU B 1 84.40 26.91 -55.09
N ASN B 2 83.85 26.93 -53.88
CA ASN B 2 82.45 26.55 -53.71
C ASN B 2 81.53 27.62 -54.26
N ASP B 3 81.07 27.42 -55.48
CA ASP B 3 80.11 28.33 -56.07
C ASP B 3 78.73 27.70 -55.92
N ASN B 4 78.46 27.11 -54.75
CA ASN B 4 77.16 26.50 -54.49
C ASN B 4 76.64 26.71 -53.06
N TYR B 5 75.35 26.98 -52.93
CA TYR B 5 74.71 27.21 -51.64
C TYR B 5 74.28 25.89 -51.02
N PRO B 6 74.33 25.78 -49.67
CA PRO B 6 73.81 24.59 -49.00
C PRO B 6 72.33 24.74 -48.61
N ILE B 7 71.46 23.86 -49.12
CA ILE B 7 70.02 23.98 -48.91
C ILE B 7 69.45 22.96 -47.93
N PHE B 8 68.57 23.44 -47.06
CA PHE B 8 67.88 22.57 -46.10
C PHE B 8 66.99 21.59 -46.84
N THR B 9 66.94 20.35 -46.35
CA THR B 9 66.09 19.32 -46.95
C THR B 9 64.63 19.75 -47.03
N GLU B 10 64.14 20.39 -45.97
CA GLU B 10 62.76 20.88 -45.93
C GLU B 10 62.68 22.40 -45.86
N GLU B 11 61.74 22.97 -46.61
CA GLU B 11 61.47 24.41 -46.59
C GLU B 11 60.89 24.81 -45.24
N THR B 12 60.09 23.92 -44.67
CA THR B 12 59.46 24.15 -43.37
C THR B 12 59.36 22.85 -42.58
N TYR B 13 60.35 22.57 -41.75
CA TYR B 13 60.32 21.38 -40.90
C TYR B 13 59.14 21.46 -39.93
N THR B 14 58.76 20.30 -39.39
CA THR B 14 57.77 20.24 -38.33
C THR B 14 58.11 19.10 -37.37
N PHE B 15 58.25 19.43 -36.10
CA PHE B 15 58.54 18.44 -35.06
C PHE B 15 57.53 18.58 -33.93
N THR B 16 57.47 17.57 -33.08
CA THR B 16 56.54 17.56 -31.95
C THR B 16 57.22 17.05 -30.69
N ILE B 17 56.92 17.69 -29.56
CA ILE B 17 57.45 17.29 -28.26
C ILE B 17 56.40 17.42 -27.17
N PHE B 18 56.59 16.71 -26.07
CA PHE B 18 55.68 16.77 -24.94
C PHE B 18 56.05 17.86 -23.94
N GLU B 19 55.04 18.55 -23.41
CA GLU B 19 55.25 19.56 -22.39
C GLU B 19 55.89 18.98 -21.13
N ASN B 20 56.48 19.84 -20.31
CA ASN B 20 57.10 19.45 -19.05
C ASN B 20 58.24 18.44 -19.22
N CYS B 21 58.68 18.25 -20.46
CA CYS B 21 59.72 17.27 -20.76
C CYS B 21 61.08 17.72 -20.24
N ARG B 22 61.93 16.74 -19.93
CA ARG B 22 63.28 17.02 -19.48
C ARG B 22 64.02 17.93 -20.45
N VAL B 23 64.98 18.68 -19.92
CA VAL B 23 65.84 19.51 -20.77
C VAL B 23 66.79 18.57 -21.51
N GLY B 24 67.09 18.91 -22.76
CA GLY B 24 67.96 18.10 -23.57
C GLY B 24 67.16 17.11 -24.40
N THR B 25 65.85 17.26 -24.37
CA THR B 25 64.97 16.42 -25.17
C THR B 25 65.21 16.70 -26.64
N THR B 26 65.65 15.67 -27.36
CA THR B 26 65.81 15.76 -28.80
C THR B 26 64.46 16.09 -29.44
N VAL B 27 64.39 17.24 -30.11
CA VAL B 27 63.16 17.70 -30.75
C VAL B 27 63.07 17.14 -32.16
N GLY B 28 64.21 17.13 -32.85
CA GLY B 28 64.27 16.70 -34.24
C GLY B 28 65.60 17.09 -34.83
N GLN B 29 65.87 16.65 -36.05
CA GLN B 29 67.15 16.93 -36.70
C GLN B 29 66.96 17.47 -38.11
N VAL B 30 67.64 18.57 -38.39
CA VAL B 30 67.64 19.17 -39.73
C VAL B 30 68.93 18.78 -40.44
N CYS B 31 68.86 18.76 -41.77
CA CYS B 31 70.02 18.46 -42.60
C CYS B 31 70.00 19.34 -43.83
N ALA B 32 71.17 19.55 -44.41
CA ALA B 32 71.28 20.36 -45.62
C ALA B 32 72.24 19.69 -46.60
N THR B 33 71.84 19.71 -47.87
CA THR B 33 72.65 19.13 -48.93
C THR B 33 73.44 20.25 -49.62
N ASP B 34 74.71 19.96 -49.90
CA ASP B 34 75.59 20.90 -50.59
C ASP B 34 76.12 20.31 -51.89
N LYS B 35 75.78 20.93 -53.02
CA LYS B 35 76.17 20.37 -54.32
C LYS B 35 77.69 20.41 -54.54
N ASP B 36 78.42 21.05 -53.63
CA ASP B 36 79.85 21.25 -53.85
C ASP B 36 80.64 19.99 -53.55
N GLU B 37 81.96 20.12 -53.60
CA GLU B 37 82.88 19.01 -53.39
C GLU B 37 82.82 18.47 -51.95
N PRO B 38 82.63 17.15 -51.79
CA PRO B 38 82.53 16.59 -50.43
C PRO B 38 83.82 16.68 -49.61
N ASP B 39 83.66 16.71 -48.29
CA ASP B 39 84.75 16.52 -47.32
C ASP B 39 85.83 17.61 -47.28
N THR B 40 85.56 18.77 -47.89
CA THR B 40 86.45 19.92 -47.76
C THR B 40 85.69 21.11 -47.17
N MET B 41 86.43 22.17 -46.81
CA MET B 41 85.81 23.40 -46.29
C MET B 41 84.61 23.79 -47.13
N HIS B 42 84.75 23.58 -48.43
CA HIS B 42 83.76 23.95 -49.42
C HIS B 42 82.41 23.26 -49.24
N THR B 43 82.30 22.38 -48.25
CA THR B 43 81.04 21.68 -48.00
C THR B 43 80.82 21.36 -46.51
N ARG B 44 81.74 21.80 -45.66
CA ARG B 44 81.59 21.61 -44.23
C ARG B 44 80.54 22.58 -43.70
N LEU B 45 79.40 22.04 -43.27
CA LEU B 45 78.23 22.85 -42.93
C LEU B 45 78.10 23.11 -41.43
N LYS B 46 77.48 24.23 -41.10
CA LYS B 46 77.21 24.63 -39.71
C LYS B 46 75.76 25.06 -39.56
N TYR B 47 75.11 24.61 -38.48
CA TYR B 47 73.70 24.89 -38.23
C TYR B 47 73.51 25.80 -37.01
N SER B 48 72.50 26.67 -37.05
CA SER B 48 72.20 27.57 -35.93
C SER B 48 70.73 28.01 -35.92
N ILE B 49 70.28 28.51 -34.77
CA ILE B 49 68.96 29.14 -34.66
C ILE B 49 69.10 30.65 -34.76
N ILE B 50 68.26 31.24 -35.60
CA ILE B 50 68.35 32.67 -35.91
C ILE B 50 67.16 33.42 -35.33
N GLY B 51 66.03 32.74 -35.21
CA GLY B 51 64.84 33.33 -34.64
C GLY B 51 63.97 32.32 -33.92
N GLN B 52 63.27 32.80 -32.90
CA GLN B 52 62.31 32.00 -32.15
C GLN B 52 61.05 32.81 -31.91
N VAL B 53 59.89 32.17 -32.05
CA VAL B 53 58.61 32.84 -31.88
C VAL B 53 57.69 31.97 -31.03
N PRO B 54 57.32 32.42 -29.82
CA PRO B 54 57.73 33.65 -29.13
C PRO B 54 59.23 33.67 -28.79
N PRO B 55 59.83 34.87 -28.74
CA PRO B 55 61.29 35.02 -28.58
C PRO B 55 61.82 34.52 -27.24
N SER B 56 61.37 35.10 -26.14
CA SER B 56 61.89 34.77 -24.81
C SER B 56 60.86 33.98 -24.01
N PRO B 57 61.33 33.06 -23.15
CA PRO B 57 62.73 32.71 -22.95
C PRO B 57 63.27 31.80 -24.06
N THR B 58 64.59 31.61 -24.08
CA THR B 58 65.19 30.65 -24.99
C THR B 58 64.87 29.24 -24.52
N LEU B 59 64.21 28.47 -25.37
CA LEU B 59 63.73 27.15 -25.00
C LEU B 59 64.28 26.06 -25.91
N PHE B 60 64.93 26.46 -26.99
CA PHE B 60 65.52 25.51 -27.95
C PHE B 60 66.95 25.86 -28.32
N SER B 61 67.77 24.82 -28.44
CA SER B 61 69.18 24.96 -28.79
C SER B 61 69.59 24.04 -29.95
N MET B 62 70.32 24.59 -30.90
CA MET B 62 70.80 23.84 -32.06
C MET B 62 72.23 23.34 -31.82
N HIS B 63 72.55 22.17 -32.35
CA HIS B 63 73.92 21.67 -32.35
C HIS B 63 74.62 22.14 -33.63
N PRO B 64 75.81 22.75 -33.50
CA PRO B 64 76.46 23.37 -34.66
C PRO B 64 76.77 22.41 -35.81
N THR B 65 77.16 21.17 -35.51
CA THR B 65 77.56 20.23 -36.55
C THR B 65 76.42 19.29 -37.00
N THR B 66 75.77 18.63 -36.05
CA THR B 66 74.83 17.56 -36.37
C THR B 66 73.48 18.05 -36.90
N GLY B 67 73.06 19.24 -36.46
CA GLY B 67 71.79 19.80 -36.87
C GLY B 67 70.64 19.30 -36.00
N VAL B 68 70.95 18.87 -34.79
CA VAL B 68 69.93 18.39 -33.87
C VAL B 68 69.47 19.50 -32.92
N ILE B 69 68.16 19.71 -32.90
CA ILE B 69 67.53 20.66 -31.98
C ILE B 69 67.19 19.97 -30.65
N THR B 70 67.39 20.68 -29.55
CA THR B 70 67.07 20.17 -28.23
C THR B 70 66.44 21.24 -27.34
N THR B 71 65.65 20.80 -26.37
CA THR B 71 65.05 21.71 -25.40
C THR B 71 66.09 22.14 -24.38
N THR B 72 65.92 23.35 -23.83
CA THR B 72 66.85 23.87 -22.84
C THR B 72 66.14 24.12 -21.51
N SER B 73 64.83 23.90 -21.49
CA SER B 73 64.02 24.12 -20.30
C SER B 73 62.84 23.15 -20.25
N SER B 74 62.32 22.92 -19.04
CA SER B 74 61.10 22.13 -18.87
C SER B 74 59.89 23.07 -18.81
N GLN B 75 60.12 24.35 -19.05
CA GLN B 75 59.06 25.35 -19.02
C GLN B 75 58.27 25.35 -20.31
N LEU B 76 58.01 24.16 -20.84
CA LEU B 76 57.10 23.98 -21.96
C LEU B 76 55.76 23.57 -21.40
N ASP B 77 54.73 24.34 -21.73
CA ASP B 77 53.40 24.13 -21.18
C ASP B 77 52.35 24.26 -22.29
N ARG B 78 51.71 23.16 -22.64
CA ARG B 78 50.73 23.15 -23.73
C ARG B 78 49.56 24.08 -23.43
N GLU B 79 49.21 24.18 -22.15
CA GLU B 79 48.04 24.95 -21.75
C GLU B 79 48.30 26.45 -21.81
N LEU B 80 49.57 26.83 -21.96
CA LEU B 80 49.93 28.24 -22.12
C LEU B 80 50.34 28.57 -23.56
N ILE B 81 51.26 27.78 -24.10
CA ILE B 81 51.78 28.00 -25.45
C ILE B 81 51.89 26.65 -26.14
N ASP B 82 51.12 26.45 -27.20
CA ASP B 82 51.05 25.15 -27.85
C ASP B 82 52.05 25.02 -29.00
N LYS B 83 52.47 26.15 -29.57
CA LYS B 83 53.36 26.13 -30.73
C LYS B 83 54.45 27.21 -30.70
N TYR B 84 55.64 26.79 -31.11
CA TYR B 84 56.79 27.68 -31.28
C TYR B 84 57.26 27.63 -32.73
N GLN B 85 57.72 28.76 -33.25
CA GLN B 85 58.25 28.83 -34.61
C GLN B 85 59.72 29.23 -34.60
N LEU B 86 60.51 28.51 -35.38
CA LEU B 86 61.95 28.77 -35.48
C LEU B 86 62.38 28.99 -36.92
N LYS B 87 63.27 29.96 -37.10
CA LYS B 87 63.98 30.11 -38.36
C LYS B 87 65.42 29.69 -38.15
N ILE B 88 65.87 28.77 -39.00
CA ILE B 88 67.20 28.17 -38.88
C ILE B 88 68.11 28.62 -40.01
N LYS B 89 69.41 28.46 -39.81
CA LYS B 89 70.41 28.90 -40.78
C LYS B 89 71.45 27.80 -40.94
N VAL B 90 71.82 27.52 -42.18
CA VAL B 90 72.95 26.65 -42.47
C VAL B 90 73.99 27.42 -43.29
N GLN B 91 75.25 27.35 -42.89
CA GLN B 91 76.32 28.07 -43.57
C GLN B 91 77.49 27.12 -43.86
N ASP B 92 77.98 27.15 -45.09
CA ASP B 92 79.11 26.30 -45.47
C ASP B 92 80.42 26.96 -45.07
N MET B 93 81.53 26.41 -45.57
CA MET B 93 82.86 26.93 -45.25
C MET B 93 83.10 26.92 -43.74
N ASP B 94 82.53 25.93 -43.07
CA ASP B 94 82.71 25.73 -41.63
C ASP B 94 82.12 26.87 -40.80
N GLY B 95 81.20 27.63 -41.40
CA GLY B 95 80.46 28.64 -40.68
C GLY B 95 81.18 29.97 -40.56
N GLN B 96 82.25 30.13 -41.33
CA GLN B 96 83.00 31.38 -41.36
C GLN B 96 82.17 32.45 -42.09
N TYR B 97 82.31 33.70 -41.66
CA TYR B 97 81.44 34.78 -42.11
C TYR B 97 81.30 34.86 -43.63
N PHE B 98 82.33 34.43 -44.35
CA PHE B 98 82.33 34.47 -45.81
C PHE B 98 81.76 33.18 -46.43
N GLY B 99 81.08 32.37 -45.62
CA GLY B 99 80.47 31.15 -46.10
C GLY B 99 79.11 31.42 -46.72
N LEU B 100 78.72 30.60 -47.68
CA LEU B 100 77.43 30.75 -48.34
C LEU B 100 76.33 30.26 -47.39
N GLN B 101 75.13 30.83 -47.50
CA GLN B 101 74.10 30.62 -46.50
C GLN B 101 72.70 30.46 -47.10
N THR B 102 71.89 29.65 -46.41
CA THR B 102 70.45 29.57 -46.67
C THR B 102 69.71 29.61 -45.35
N THR B 103 68.41 29.89 -45.41
CA THR B 103 67.57 29.98 -44.23
C THR B 103 66.40 29.02 -44.40
N SER B 104 65.64 28.77 -43.33
CA SER B 104 64.50 27.88 -43.40
C SER B 104 63.62 28.05 -42.17
N THR B 105 62.34 27.73 -42.32
CA THR B 105 61.39 27.82 -41.21
C THR B 105 61.35 26.47 -40.52
N CYS B 106 61.03 26.48 -39.24
CA CYS B 106 61.00 25.25 -38.45
C CYS B 106 59.92 25.32 -37.37
N ILE B 107 58.87 24.51 -37.55
CA ILE B 107 57.73 24.49 -36.63
C ILE B 107 57.88 23.48 -35.49
N ILE B 108 57.55 23.92 -34.27
CA ILE B 108 57.56 23.05 -33.10
C ILE B 108 56.25 23.17 -32.33
N ASN B 109 55.46 22.09 -32.32
CA ASN B 109 54.21 22.05 -31.56
C ASN B 109 54.32 21.20 -30.32
N ILE B 110 53.70 21.67 -29.24
CA ILE B 110 53.73 20.95 -27.99
C ILE B 110 52.50 20.06 -27.84
N ASP B 111 52.74 18.78 -27.62
CA ASP B 111 51.67 17.81 -27.40
C ASP B 111 51.30 17.79 -25.92
N ASP B 112 50.14 17.23 -25.60
CA ASP B 112 49.59 17.28 -24.25
C ASP B 112 50.02 16.09 -23.38
N VAL B 113 50.17 16.37 -22.08
CA VAL B 113 50.33 15.31 -21.08
C VAL B 113 49.32 15.50 -19.96
N ASN B 114 49.02 14.43 -19.24
CA ASN B 114 48.01 14.48 -18.19
C ASN B 114 48.55 15.06 -16.90
N ASP B 115 48.50 16.38 -16.79
CA ASP B 115 49.02 17.08 -15.60
C ASP B 115 47.92 17.90 -14.92
N HIS B 116 46.68 17.71 -15.37
CA HIS B 116 45.51 18.22 -14.67
C HIS B 116 44.56 17.09 -14.30
N LEU B 117 44.33 16.92 -13.00
CA LEU B 117 43.40 15.90 -12.53
C LEU B 117 41.97 16.36 -12.78
N PRO B 118 41.08 15.43 -13.16
CA PRO B 118 39.69 15.81 -13.42
C PRO B 118 38.93 16.05 -12.13
N THR B 119 38.02 17.02 -12.11
CA THR B 119 37.33 17.40 -10.88
C THR B 119 35.82 17.56 -11.08
N PHE B 120 35.05 17.01 -10.14
CA PHE B 120 33.59 17.11 -10.19
C PHE B 120 33.13 18.57 -10.10
N THR B 121 32.13 18.92 -10.91
CA THR B 121 31.61 20.28 -10.95
C THR B 121 30.78 20.63 -9.71
N ARG B 122 30.35 19.60 -8.97
CA ARG B 122 29.65 19.79 -7.71
C ARG B 122 30.27 18.90 -6.63
N THR B 123 30.11 19.32 -5.38
CA THR B 123 30.68 18.60 -4.25
C THR B 123 29.75 17.46 -3.81
N SER B 124 28.44 17.68 -3.95
CA SER B 124 27.45 16.70 -3.55
C SER B 124 26.34 16.61 -4.60
N TYR B 125 25.77 15.42 -4.76
CA TYR B 125 24.66 15.21 -5.68
C TYR B 125 23.49 14.55 -4.97
N VAL B 126 22.29 14.77 -5.49
CA VAL B 126 21.08 14.13 -4.97
C VAL B 126 20.16 13.72 -6.10
N THR B 127 19.65 12.50 -6.01
CA THR B 127 18.67 12.01 -6.98
C THR B 127 17.65 11.13 -6.28
N SER B 128 16.58 10.80 -6.99
CA SER B 128 15.49 10.01 -6.43
C SER B 128 15.00 8.99 -7.45
N VAL B 129 15.00 7.72 -7.05
CA VAL B 129 14.59 6.64 -7.95
C VAL B 129 13.48 5.79 -7.34
N GLU B 130 12.60 5.31 -8.22
CA GLU B 130 11.52 4.42 -7.82
C GLU B 130 12.07 3.05 -7.46
N GLU B 131 11.50 2.41 -6.45
CA GLU B 131 11.92 1.08 -6.07
C GLU B 131 11.44 0.09 -7.14
N ASN B 132 12.02 -1.11 -7.14
CA ASN B 132 11.66 -2.14 -8.11
C ASN B 132 11.82 -1.69 -9.57
N THR B 133 12.78 -0.79 -9.79
CA THR B 133 13.15 -0.36 -11.13
C THR B 133 14.61 -0.74 -11.37
N VAL B 134 14.98 -1.06 -12.61
CA VAL B 134 16.34 -1.51 -12.90
C VAL B 134 16.77 -1.19 -14.33
N ASP B 135 18.09 -1.12 -14.53
CA ASP B 135 18.68 -0.85 -15.85
C ASP B 135 18.25 0.52 -16.36
N VAL B 136 18.52 1.55 -15.57
CA VAL B 136 18.16 2.92 -15.92
C VAL B 136 19.14 3.94 -15.33
N GLU B 137 19.41 5.02 -16.06
CA GLU B 137 20.26 6.08 -15.50
C GLU B 137 19.40 7.01 -14.65
N ILE B 138 19.91 7.37 -13.48
CA ILE B 138 19.16 8.15 -12.51
C ILE B 138 19.83 9.50 -12.20
N LEU B 139 21.03 9.70 -12.73
CA LEU B 139 21.80 10.91 -12.46
C LEU B 139 22.92 11.05 -13.45
N ARG B 140 23.24 12.31 -13.79
CA ARG B 140 24.43 12.59 -14.60
C ARG B 140 25.31 13.62 -13.92
N VAL B 141 26.56 13.22 -13.67
CA VAL B 141 27.55 14.10 -13.11
C VAL B 141 28.50 14.54 -14.22
N THR B 142 28.89 15.82 -14.22
CA THR B 142 29.80 16.32 -15.24
C THR B 142 31.11 16.77 -14.60
N VAL B 143 32.20 16.58 -15.32
CA VAL B 143 33.54 16.79 -14.77
C VAL B 143 34.36 17.83 -15.54
N GLU B 144 35.25 18.52 -14.82
CA GLU B 144 36.14 19.53 -15.40
C GLU B 144 37.58 19.02 -15.53
N ASP B 145 38.16 19.15 -16.72
CA ASP B 145 39.56 18.80 -16.96
C ASP B 145 40.22 19.80 -17.90
N LYS B 146 41.34 20.40 -17.47
CA LYS B 146 41.98 21.49 -18.22
C LYS B 146 42.89 20.99 -19.34
N ASP B 147 43.02 19.68 -19.48
CA ASP B 147 43.87 19.10 -20.53
C ASP B 147 43.18 19.10 -21.89
N LEU B 148 43.88 18.56 -22.89
CA LEU B 148 43.44 18.62 -24.29
C LEU B 148 42.25 17.70 -24.55
N VAL B 149 41.18 18.27 -25.09
CA VAL B 149 39.93 17.53 -25.32
C VAL B 149 40.12 16.35 -26.25
N ASN B 150 39.29 15.33 -26.07
CA ASN B 150 39.29 14.14 -26.91
C ASN B 150 40.61 13.38 -26.87
N THR B 151 41.24 13.34 -25.69
CA THR B 151 42.46 12.57 -25.48
C THR B 151 42.38 11.80 -24.17
N ALA B 152 43.26 10.81 -24.02
CA ALA B 152 43.28 9.97 -22.82
C ALA B 152 43.64 10.77 -21.56
N ASN B 153 44.18 11.97 -21.76
CA ASN B 153 44.52 12.84 -20.64
C ASN B 153 43.32 13.68 -20.18
N TRP B 154 42.22 13.56 -20.92
CA TRP B 154 41.06 14.42 -20.70
C TRP B 154 39.84 13.61 -20.27
N ARG B 155 39.49 12.60 -21.06
CA ARG B 155 38.26 11.86 -20.83
C ARG B 155 38.32 11.04 -19.54
N ALA B 156 37.19 10.96 -18.85
CA ALA B 156 37.12 10.46 -17.48
C ALA B 156 36.88 8.95 -17.33
N ASN B 157 37.16 8.46 -16.12
CA ASN B 157 37.05 7.04 -15.77
C ASN B 157 36.51 6.97 -14.35
N TYR B 158 35.21 6.82 -14.22
CA TYR B 158 34.55 6.96 -12.93
C TYR B 158 34.51 5.64 -12.18
N THR B 159 34.42 5.74 -10.85
CA THR B 159 34.33 4.56 -10.00
C THR B 159 33.51 4.92 -8.77
N ILE B 160 32.76 3.95 -8.24
CA ILE B 160 32.10 4.13 -6.96
C ILE B 160 33.00 3.59 -5.86
N LEU B 161 33.57 4.52 -5.09
CA LEU B 161 34.57 4.20 -4.08
C LEU B 161 33.94 3.50 -2.89
N LYS B 162 32.85 4.08 -2.39
CA LYS B 162 32.18 3.56 -1.20
C LYS B 162 30.67 3.65 -1.35
N GLY B 163 29.96 2.74 -0.68
CA GLY B 163 28.51 2.76 -0.66
C GLY B 163 27.83 1.73 -1.55
N ASN B 164 28.57 1.14 -2.48
CA ASN B 164 28.00 0.18 -3.42
C ASN B 164 28.27 -1.27 -3.02
N GLU B 165 28.10 -1.57 -1.73
CA GLU B 165 28.42 -2.89 -1.21
C GLU B 165 27.47 -3.95 -1.79
N ASN B 166 26.18 -3.62 -1.86
CA ASN B 166 25.19 -4.56 -2.35
C ASN B 166 25.14 -4.61 -3.89
N GLY B 167 25.92 -3.75 -4.53
CA GLY B 167 26.04 -3.78 -5.97
C GLY B 167 24.80 -3.28 -6.68
N ASN B 168 24.02 -2.46 -6.00
CA ASN B 168 22.77 -1.94 -6.57
C ASN B 168 23.01 -1.00 -7.74
N PHE B 169 24.12 -0.25 -7.68
CA PHE B 169 24.41 0.78 -8.66
C PHE B 169 25.64 0.48 -9.50
N LYS B 170 25.70 1.10 -10.67
CA LYS B 170 26.86 1.04 -11.54
C LYS B 170 27.09 2.43 -12.14
N ILE B 171 28.34 2.90 -12.16
CA ILE B 171 28.65 4.16 -12.83
C ILE B 171 29.52 3.91 -14.06
N VAL B 172 29.14 4.56 -15.15
CA VAL B 172 29.85 4.45 -16.43
C VAL B 172 30.03 5.86 -17.02
N THR B 173 30.87 5.99 -18.05
CA THR B 173 31.13 7.29 -18.66
C THR B 173 30.66 7.37 -20.11
N ASP B 174 29.92 8.44 -20.42
CA ASP B 174 29.43 8.69 -21.77
C ASP B 174 30.57 9.20 -22.66
N ALA B 175 30.83 8.49 -23.76
CA ALA B 175 31.89 8.87 -24.69
C ALA B 175 31.53 10.16 -25.42
N LYS B 176 30.23 10.39 -25.55
CA LYS B 176 29.69 11.50 -26.35
C LYS B 176 29.90 12.85 -25.67
N THR B 177 29.85 12.86 -24.33
CA THR B 177 29.86 14.11 -23.57
C THR B 177 30.81 14.09 -22.37
N ASN B 178 31.43 12.94 -22.11
CA ASN B 178 32.44 12.81 -21.06
C ASN B 178 31.88 12.96 -19.63
N GLU B 179 30.56 13.11 -19.50
CA GLU B 179 29.94 13.16 -18.17
C GLU B 179 29.66 11.73 -17.70
N GLY B 180 29.69 11.54 -16.39
CA GLY B 180 29.43 10.23 -15.80
C GLY B 180 27.95 10.00 -15.57
N VAL B 181 27.49 8.78 -15.84
CA VAL B 181 26.09 8.43 -15.69
C VAL B 181 25.92 7.34 -14.62
N LEU B 182 25.10 7.62 -13.62
CA LEU B 182 24.85 6.66 -12.54
C LEU B 182 23.63 5.80 -12.90
N CYS B 183 23.86 4.50 -13.02
CA CYS B 183 22.80 3.57 -13.41
C CYS B 183 22.48 2.57 -12.31
N VAL B 184 21.20 2.25 -12.20
CA VAL B 184 20.72 1.20 -11.29
C VAL B 184 20.73 -0.14 -12.01
N VAL B 185 21.33 -1.14 -11.36
CA VAL B 185 21.52 -2.45 -11.97
C VAL B 185 20.91 -3.56 -11.12
N LYS B 186 20.45 -3.21 -9.94
CA LYS B 186 19.61 -4.08 -9.13
C LYS B 186 18.48 -3.24 -8.54
N PRO B 187 17.26 -3.79 -8.54
CA PRO B 187 16.14 -3.00 -8.01
C PRO B 187 16.32 -2.73 -6.53
N LEU B 188 15.71 -1.65 -6.03
CA LEU B 188 15.82 -1.29 -4.63
C LEU B 188 14.51 -1.60 -3.92
N ASN B 189 14.55 -1.67 -2.60
CA ASN B 189 13.38 -2.00 -1.78
C ASN B 189 13.19 -0.98 -0.66
N TYR B 190 12.19 -0.12 -0.83
CA TYR B 190 11.95 0.97 0.11
C TYR B 190 11.76 0.47 1.55
N GLU B 191 11.28 -0.76 1.67
CA GLU B 191 11.00 -1.33 2.99
C GLU B 191 12.27 -1.86 3.63
N GLU B 192 13.29 -2.09 2.80
CA GLU B 192 14.60 -2.48 3.29
C GLU B 192 15.46 -1.25 3.60
N LYS B 193 15.67 -0.40 2.60
CA LYS B 193 16.48 0.81 2.73
C LYS B 193 15.84 1.98 1.99
N GLN B 194 15.54 3.07 2.70
CA GLN B 194 14.85 4.21 2.09
C GLN B 194 15.83 5.16 1.40
N GLN B 195 17.11 5.06 1.75
CA GLN B 195 18.13 5.97 1.24
C GLN B 195 19.49 5.31 1.18
N MET B 196 20.25 5.59 0.13
CA MET B 196 21.58 5.03 -0.07
C MET B 196 22.59 6.11 -0.43
N ILE B 197 23.62 6.24 0.40
CA ILE B 197 24.69 7.20 0.18
C ILE B 197 25.89 6.52 -0.46
N LEU B 198 26.41 7.15 -1.52
CA LEU B 198 27.60 6.64 -2.20
C LEU B 198 28.66 7.72 -2.28
N GLN B 199 29.88 7.29 -2.56
CA GLN B 199 30.98 8.21 -2.82
C GLN B 199 31.60 7.83 -4.14
N ILE B 200 31.62 8.77 -5.07
CA ILE B 200 32.21 8.53 -6.38
C ILE B 200 33.54 9.26 -6.51
N GLY B 201 34.39 8.74 -7.40
CA GLY B 201 35.67 9.34 -7.67
C GLY B 201 35.89 9.32 -9.16
N VAL B 202 36.84 10.12 -9.64
CA VAL B 202 37.09 10.21 -11.07
C VAL B 202 38.57 10.41 -11.35
N VAL B 203 39.03 9.74 -12.40
CA VAL B 203 40.38 9.88 -12.90
C VAL B 203 40.26 9.80 -14.41
N ASN B 204 41.33 10.12 -15.13
CA ASN B 204 41.34 9.97 -16.57
C ASN B 204 41.77 8.56 -16.94
N GLU B 205 41.61 8.23 -18.22
CA GLU B 205 42.12 6.97 -18.74
C GLU B 205 43.63 6.90 -18.58
N ALA B 206 44.30 8.00 -18.93
CA ALA B 206 45.76 8.07 -18.82
C ALA B 206 46.16 8.24 -17.36
N PRO B 207 47.31 7.65 -16.98
CA PRO B 207 47.73 7.84 -15.58
C PRO B 207 48.13 9.28 -15.28
N PHE B 208 47.93 9.69 -14.03
CA PHE B 208 48.34 11.01 -13.59
C PHE B 208 49.84 11.21 -13.70
N SER B 209 50.24 12.47 -13.86
CA SER B 209 51.63 12.86 -14.00
C SER B 209 52.01 13.75 -12.83
N ARG B 210 53.26 13.65 -12.38
CA ARG B 210 53.71 14.38 -11.19
C ARG B 210 53.02 13.87 -9.92
N ALA B 217 45.27 12.27 -4.76
CA ALA B 217 44.54 13.53 -4.59
C ALA B 217 43.35 13.60 -5.54
N MET B 218 42.80 12.43 -5.86
CA MET B 218 41.70 12.32 -6.82
C MET B 218 40.45 13.04 -6.33
N SER B 219 39.70 13.62 -7.26
CA SER B 219 38.46 14.32 -6.92
C SER B 219 37.39 13.32 -6.50
N THR B 220 36.60 13.70 -5.51
CA THR B 220 35.51 12.86 -5.01
C THR B 220 34.23 13.66 -4.80
N ALA B 221 33.10 12.95 -4.76
CA ALA B 221 31.82 13.57 -4.47
C ALA B 221 30.88 12.55 -3.83
N THR B 222 30.04 13.01 -2.91
CA THR B 222 29.05 12.15 -2.28
C THR B 222 27.73 12.30 -3.02
N VAL B 223 27.03 11.19 -3.24
CA VAL B 223 25.71 11.23 -3.84
C VAL B 223 24.73 10.46 -2.96
N THR B 224 23.68 11.15 -2.52
CA THR B 224 22.62 10.50 -1.77
C THR B 224 21.49 10.17 -2.73
N VAL B 225 21.14 8.88 -2.80
CA VAL B 225 20.03 8.39 -3.59
C VAL B 225 18.86 8.04 -2.69
N ASN B 226 17.78 8.80 -2.81
CA ASN B 226 16.58 8.55 -2.03
C ASN B 226 15.64 7.62 -2.77
N VAL B 227 15.37 6.46 -2.17
CA VAL B 227 14.47 5.48 -2.74
C VAL B 227 13.03 5.92 -2.55
N GLU B 228 12.25 5.81 -3.62
CA GLU B 228 10.83 6.17 -3.59
C GLU B 228 9.96 4.94 -3.34
N ASP B 229 8.96 5.09 -2.48
CA ASP B 229 8.03 4.00 -2.19
C ASP B 229 6.96 3.91 -3.27
N GLN B 230 6.80 2.72 -3.85
CA GLN B 230 5.65 2.43 -4.70
C GLN B 230 4.71 1.47 -3.97
N ASP B 231 3.40 1.70 -4.14
CA ASP B 231 2.37 0.86 -3.54
C ASP B 231 2.34 -0.53 -4.19
N GLU B 232 2.91 -1.51 -3.49
CA GLU B 232 3.06 -2.87 -4.02
C GLU B 232 1.91 -3.80 -3.61
N GLY B 233 1.84 -4.94 -4.29
CA GLY B 233 0.80 -5.92 -4.03
C GLY B 233 1.22 -6.89 -2.93
N PRO B 234 0.37 -7.88 -2.64
CA PRO B 234 0.59 -8.82 -1.54
C PRO B 234 1.83 -9.68 -1.74
N GLU B 235 2.54 -9.99 -0.67
CA GLU B 235 3.72 -10.86 -0.76
C GLU B 235 3.51 -12.08 0.13
N CYS B 236 3.90 -13.24 -0.40
CA CYS B 236 3.70 -14.49 0.31
C CYS B 236 4.98 -14.88 1.03
N ASN B 237 5.26 -14.15 2.10
CA ASN B 237 6.42 -14.39 2.94
C ASN B 237 5.99 -14.85 4.33
N PRO B 238 6.48 -16.02 4.78
CA PRO B 238 7.36 -16.95 4.06
C PRO B 238 6.67 -17.67 2.90
N PRO B 239 7.43 -18.07 1.87
CA PRO B 239 6.87 -18.76 0.70
C PRO B 239 6.28 -20.11 1.09
N ILE B 240 6.78 -20.67 2.20
CA ILE B 240 6.26 -21.90 2.77
C ILE B 240 5.81 -21.70 4.21
N GLN B 241 4.50 -21.84 4.45
CA GLN B 241 3.96 -21.79 5.80
C GLN B 241 3.36 -23.15 6.17
N THR B 242 3.31 -23.43 7.47
CA THR B 242 2.83 -24.71 7.95
C THR B 242 1.84 -24.56 9.12
N VAL B 243 0.90 -25.48 9.20
CA VAL B 243 -0.08 -25.50 10.29
C VAL B 243 -0.32 -26.94 10.74
N ARG B 244 -0.73 -27.12 11.99
CA ARG B 244 -0.95 -28.45 12.55
C ARG B 244 -2.44 -28.76 12.64
N MET B 245 -2.78 -30.04 12.42
CA MET B 245 -4.17 -30.45 12.41
C MET B 245 -4.30 -31.95 12.72
N LYS B 246 -5.09 -32.29 13.74
CA LYS B 246 -5.30 -33.69 14.10
C LYS B 246 -5.99 -34.45 12.97
N GLU B 247 -5.42 -35.59 12.59
CA GLU B 247 -5.94 -36.38 11.47
C GLU B 247 -7.40 -36.79 11.70
N ASN B 248 -7.81 -36.94 12.96
CA ASN B 248 -9.17 -37.35 13.26
C ASN B 248 -10.06 -36.14 13.54
N ALA B 249 -9.66 -35.00 12.99
CA ALA B 249 -10.42 -33.76 13.15
C ALA B 249 -11.82 -33.93 12.58
N GLU B 250 -12.80 -33.34 13.24
CA GLU B 250 -14.19 -33.42 12.80
C GLU B 250 -14.41 -32.56 11.55
N VAL B 251 -15.34 -32.98 10.71
CA VAL B 251 -15.70 -32.20 9.53
C VAL B 251 -16.32 -30.88 9.95
N GLY B 252 -15.88 -29.79 9.31
CA GLY B 252 -16.37 -28.47 9.62
C GLY B 252 -15.40 -27.70 10.49
N THR B 253 -14.41 -28.40 11.04
CA THR B 253 -13.42 -27.76 11.88
C THR B 253 -12.49 -26.92 11.02
N THR B 254 -12.35 -25.65 11.39
CA THR B 254 -11.55 -24.71 10.61
C THR B 254 -10.13 -24.63 11.14
N SER B 255 -9.29 -23.89 10.43
CA SER B 255 -7.91 -23.68 10.83
C SER B 255 -7.30 -22.55 10.02
N ASN B 256 -6.35 -21.85 10.62
CA ASN B 256 -5.62 -20.83 9.90
C ASN B 256 -4.97 -21.44 8.67
N GLY B 257 -5.13 -20.79 7.53
CA GLY B 257 -4.55 -21.26 6.29
C GLY B 257 -3.31 -20.46 5.98
N TYR B 258 -3.06 -20.23 4.69
CA TYR B 258 -1.94 -19.38 4.30
C TYR B 258 -2.27 -17.92 4.58
N LYS B 259 -1.26 -17.15 4.97
CA LYS B 259 -1.43 -15.72 5.23
C LYS B 259 -0.40 -14.93 4.43
N ALA B 260 -0.90 -14.01 3.60
CA ALA B 260 -0.06 -13.08 2.86
C ALA B 260 -0.38 -11.68 3.35
N TYR B 261 0.62 -10.80 3.33
CA TYR B 261 0.43 -9.43 3.81
C TYR B 261 0.85 -8.38 2.78
N ASP B 262 0.39 -7.16 3.00
CA ASP B 262 0.79 -6.01 2.18
C ASP B 262 2.11 -5.45 2.71
N PRO B 263 3.08 -5.20 1.81
CA PRO B 263 4.36 -4.66 2.30
C PRO B 263 4.24 -3.27 2.95
N GLU B 264 3.37 -2.42 2.43
CA GLU B 264 3.19 -1.08 2.99
C GLU B 264 2.42 -1.11 4.31
N THR B 265 1.24 -1.71 4.27
CA THR B 265 0.34 -1.69 5.42
C THR B 265 0.76 -2.69 6.49
N ARG B 266 1.47 -3.74 6.07
CA ARG B 266 1.85 -4.84 6.95
C ARG B 266 0.61 -5.57 7.49
N SER B 267 -0.55 -5.30 6.88
CA SER B 267 -1.81 -5.94 7.24
C SER B 267 -2.21 -6.97 6.19
N SER B 268 -3.11 -7.87 6.56
CA SER B 268 -3.55 -8.94 5.67
C SER B 268 -4.96 -8.69 5.10
N SER B 269 -5.59 -7.60 5.53
CA SER B 269 -6.94 -7.27 5.09
C SER B 269 -7.00 -7.04 3.58
N GLY B 270 -8.18 -7.22 2.99
CA GLY B 270 -8.39 -6.96 1.58
C GLY B 270 -7.87 -8.05 0.66
N ILE B 271 -7.03 -8.93 1.20
CA ILE B 271 -6.44 -10.01 0.43
C ILE B 271 -7.39 -11.20 0.32
N ARG B 272 -7.62 -11.64 -0.91
CA ARG B 272 -8.53 -12.75 -1.19
C ARG B 272 -7.73 -13.97 -1.64
N TYR B 273 -8.07 -15.14 -1.11
CA TYR B 273 -7.31 -16.35 -1.42
C TYR B 273 -8.12 -17.30 -2.31
N LYS B 274 -7.39 -18.23 -2.93
CA LYS B 274 -7.94 -19.14 -3.92
C LYS B 274 -7.02 -20.36 -4.05
N LYS B 275 -7.60 -21.56 -4.12
CA LYS B 275 -6.82 -22.78 -4.17
C LYS B 275 -6.29 -23.09 -5.57
N LEU B 276 -5.00 -23.43 -5.65
CA LEU B 276 -4.41 -23.91 -6.91
C LEU B 276 -4.31 -25.42 -6.92
N THR B 277 -3.27 -25.96 -6.28
CA THR B 277 -3.01 -27.39 -6.26
C THR B 277 -3.46 -28.03 -4.96
N ASP B 278 -4.04 -29.22 -5.08
CA ASP B 278 -4.47 -30.01 -3.93
C ASP B 278 -4.68 -31.44 -4.38
N PRO B 279 -3.75 -32.34 -4.03
CA PRO B 279 -3.81 -33.71 -4.56
C PRO B 279 -4.83 -34.62 -3.86
N THR B 280 -5.43 -34.16 -2.76
CA THR B 280 -6.33 -35.02 -1.99
C THR B 280 -7.74 -34.45 -1.94
N GLY B 281 -7.88 -33.16 -1.67
CA GLY B 281 -9.18 -32.50 -1.70
C GLY B 281 -9.97 -32.63 -0.41
N TRP B 282 -9.27 -32.62 0.72
CA TRP B 282 -9.90 -32.77 2.02
C TRP B 282 -10.42 -31.46 2.58
N VAL B 283 -9.75 -30.36 2.26
CA VAL B 283 -10.10 -29.05 2.81
C VAL B 283 -10.57 -28.07 1.74
N THR B 284 -11.24 -27.02 2.17
CA THR B 284 -11.61 -25.91 1.30
C THR B 284 -11.10 -24.62 1.90
N ILE B 285 -10.88 -23.62 1.06
CA ILE B 285 -10.36 -22.33 1.50
C ILE B 285 -11.47 -21.29 1.48
N ASP B 286 -11.57 -20.53 2.56
CA ASP B 286 -12.44 -19.37 2.58
C ASP B 286 -11.79 -18.24 1.79
N GLU B 287 -12.46 -17.81 0.74
CA GLU B 287 -11.89 -16.83 -0.19
C GLU B 287 -11.51 -15.53 0.49
N ASN B 288 -12.28 -15.11 1.48
CA ASN B 288 -12.05 -13.82 2.12
C ASN B 288 -11.01 -13.86 3.24
N THR B 289 -10.97 -14.95 4.01
CA THR B 289 -10.14 -15.01 5.21
C THR B 289 -8.89 -15.85 5.00
N GLY B 290 -8.96 -16.80 4.06
CA GLY B 290 -7.84 -17.67 3.78
C GLY B 290 -7.73 -18.84 4.73
N SER B 291 -8.59 -18.89 5.74
CA SER B 291 -8.63 -20.03 6.64
C SER B 291 -9.15 -21.23 5.88
N ILE B 292 -8.78 -22.42 6.33
CA ILE B 292 -9.22 -23.66 5.70
C ILE B 292 -10.22 -24.41 6.58
N LYS B 293 -11.15 -25.09 5.93
CA LYS B 293 -12.18 -25.86 6.61
C LYS B 293 -12.09 -27.31 6.16
N VAL B 294 -12.17 -28.23 7.10
CA VAL B 294 -12.14 -29.66 6.76
C VAL B 294 -13.46 -30.08 6.11
N PHE B 295 -13.37 -30.74 4.97
CA PHE B 295 -14.55 -31.17 4.21
C PHE B 295 -14.72 -32.68 4.21
N ARG B 296 -13.61 -33.41 4.13
CA ARG B 296 -13.61 -34.86 4.27
C ARG B 296 -12.56 -35.26 5.30
N SER B 297 -12.78 -36.40 5.94
CA SER B 297 -11.90 -36.85 7.01
C SER B 297 -10.45 -36.95 6.54
N LEU B 298 -9.54 -36.46 7.38
CA LEU B 298 -8.13 -36.51 7.06
C LEU B 298 -7.56 -37.88 7.40
N ASP B 299 -6.41 -38.18 6.83
CA ASP B 299 -5.72 -39.43 7.11
C ASP B 299 -4.22 -39.21 6.94
N ARG B 300 -3.49 -39.20 8.06
CA ARG B 300 -2.04 -39.01 8.02
C ARG B 300 -1.37 -40.12 7.22
N GLU B 301 -1.99 -41.30 7.22
CA GLU B 301 -1.40 -42.48 6.61
C GLU B 301 -1.87 -42.70 5.18
N ALA B 302 -2.57 -41.72 4.62
CA ALA B 302 -3.06 -41.82 3.25
C ALA B 302 -1.89 -41.94 2.27
N GLU B 303 -2.17 -42.52 1.11
CA GLU B 303 -1.14 -42.83 0.12
C GLU B 303 -0.85 -41.61 -0.75
N THR B 304 -1.74 -40.64 -0.71
CA THR B 304 -1.53 -39.36 -1.39
C THR B 304 -0.62 -38.46 -0.55
N ILE B 305 -0.49 -38.79 0.73
CA ILE B 305 0.38 -38.07 1.65
C ILE B 305 1.78 -38.67 1.70
N LYS B 306 2.76 -37.81 1.94
CA LYS B 306 4.13 -38.22 2.23
C LYS B 306 4.58 -37.50 3.50
N ASN B 307 5.29 -38.23 4.37
CA ASN B 307 5.82 -37.68 5.61
C ASN B 307 4.75 -37.15 6.54
N GLY B 308 3.50 -37.56 6.33
CA GLY B 308 2.39 -37.12 7.15
C GLY B 308 2.16 -35.62 7.04
N ILE B 309 2.55 -35.05 5.91
CA ILE B 309 2.34 -33.64 5.63
C ILE B 309 1.59 -33.46 4.31
N TYR B 310 0.55 -32.64 4.40
CA TYR B 310 -0.45 -32.47 3.35
C TYR B 310 -0.40 -31.05 2.78
N ASN B 311 0.14 -30.93 1.57
CA ASN B 311 0.43 -29.62 0.99
C ASN B 311 -0.51 -29.17 -0.11
N ILE B 312 -1.00 -27.95 0.03
CA ILE B 312 -1.75 -27.29 -1.03
C ILE B 312 -1.12 -25.94 -1.37
N THR B 313 -1.17 -25.55 -2.64
CA THR B 313 -0.71 -24.22 -3.05
C THR B 313 -1.89 -23.27 -3.18
N VAL B 314 -1.67 -22.01 -2.78
CA VAL B 314 -2.73 -21.01 -2.70
C VAL B 314 -2.39 -19.74 -3.48
N LEU B 315 -3.41 -19.09 -4.00
CA LEU B 315 -3.27 -17.85 -4.77
C LEU B 315 -3.84 -16.65 -4.03
N ALA B 316 -2.97 -15.84 -3.43
CA ALA B 316 -3.40 -14.60 -2.79
C ALA B 316 -3.48 -13.48 -3.82
N SER B 317 -4.49 -12.64 -3.66
CA SER B 317 -4.70 -11.51 -4.56
C SER B 317 -5.34 -10.36 -3.79
N ASP B 318 -4.88 -9.13 -4.07
CA ASP B 318 -5.49 -7.96 -3.46
C ASP B 318 -6.52 -7.38 -4.41
N GLN B 319 -7.25 -6.37 -3.95
CA GLN B 319 -8.32 -5.78 -4.73
C GLN B 319 -7.76 -5.00 -5.93
N GLY B 320 -6.45 -4.76 -5.91
CA GLY B 320 -5.79 -4.03 -6.97
C GLY B 320 -5.50 -4.92 -8.17
N GLY B 321 -5.38 -6.22 -7.91
CA GLY B 321 -5.25 -7.20 -8.98
C GLY B 321 -3.89 -7.85 -9.10
N ARG B 322 -3.00 -7.60 -8.15
CA ARG B 322 -1.66 -8.19 -8.19
C ARG B 322 -1.67 -9.46 -7.35
N THR B 323 -0.88 -10.45 -7.76
CA THR B 323 -1.06 -11.80 -7.24
C THR B 323 0.20 -12.28 -6.55
N CYS B 324 0.05 -13.39 -5.85
CA CYS B 324 1.09 -13.92 -4.99
C CYS B 324 0.74 -15.36 -4.67
N THR B 325 1.71 -16.25 -4.83
CA THR B 325 1.47 -17.68 -4.63
C THR B 325 2.36 -18.26 -3.54
N GLY B 326 1.77 -19.12 -2.70
CA GLY B 326 2.47 -19.74 -1.60
C GLY B 326 2.09 -21.20 -1.44
N THR B 327 2.80 -21.88 -0.54
CA THR B 327 2.54 -23.30 -0.27
C THR B 327 2.18 -23.48 1.20
N LEU B 328 1.01 -24.05 1.46
CA LEU B 328 0.58 -24.34 2.83
C LEU B 328 0.78 -25.81 3.11
N GLY B 329 1.64 -26.11 4.09
CA GLY B 329 1.88 -27.47 4.50
C GLY B 329 1.07 -27.82 5.73
N ILE B 330 0.07 -28.68 5.55
CA ILE B 330 -0.77 -29.10 6.67
C ILE B 330 -0.19 -30.35 7.30
N ILE B 331 0.42 -30.18 8.46
CA ILE B 331 0.96 -31.30 9.23
C ILE B 331 -0.18 -32.02 9.93
N LEU B 332 -0.35 -33.28 9.57
CA LEU B 332 -1.38 -34.12 10.15
C LEU B 332 -0.88 -34.80 11.42
N GLN B 333 -1.38 -34.34 12.58
CA GLN B 333 -1.01 -34.95 13.84
C GLN B 333 -1.53 -36.37 13.94
N ASP B 334 -0.62 -37.28 14.27
CA ASP B 334 -0.94 -38.69 14.28
C ASP B 334 -1.90 -39.06 15.40
N VAL B 335 -2.77 -40.01 15.10
CA VAL B 335 -3.69 -40.58 16.06
C VAL B 335 -3.56 -42.10 15.95
N ASN B 336 -3.43 -42.79 17.06
CA ASN B 336 -3.28 -44.24 16.99
C ASN B 336 -4.56 -44.87 16.46
N ASP B 337 -4.66 -44.97 15.14
CA ASP B 337 -5.84 -45.52 14.48
C ASP B 337 -5.45 -46.61 13.47
N ASN B 338 -4.24 -47.11 13.60
CA ASN B 338 -3.74 -48.23 12.79
C ASN B 338 -3.03 -49.26 13.64
N SER B 339 -3.37 -50.52 13.43
CA SER B 339 -2.65 -51.61 14.08
C SER B 339 -1.49 -52.00 13.19
N PRO B 340 -0.47 -52.67 13.77
CA PRO B 340 0.62 -53.14 12.91
C PRO B 340 0.15 -54.19 11.91
N PHE B 341 1.00 -54.49 10.94
CA PHE B 341 0.68 -55.50 9.93
C PHE B 341 1.99 -56.09 9.46
N ILE B 342 1.92 -57.31 8.94
CA ILE B 342 3.11 -58.00 8.46
C ILE B 342 3.20 -57.90 6.93
N PRO B 343 4.19 -57.15 6.41
CA PRO B 343 4.33 -56.98 4.95
C PRO B 343 4.48 -58.27 4.17
N LYS B 344 5.30 -59.21 4.63
CA LYS B 344 5.54 -60.42 3.85
C LYS B 344 4.72 -61.53 4.47
N LYS B 345 3.82 -62.07 3.65
CA LYS B 345 2.80 -62.98 4.11
C LYS B 345 3.22 -64.45 3.95
N THR B 346 4.33 -64.69 3.25
CA THR B 346 4.82 -66.04 3.00
C THR B 346 6.24 -66.22 3.52
N VAL B 347 6.43 -67.21 4.38
CA VAL B 347 7.74 -67.55 4.93
C VAL B 347 8.12 -69.00 4.63
N ILE B 348 9.41 -69.22 4.35
CA ILE B 348 9.93 -70.54 4.02
C ILE B 348 11.00 -70.98 5.03
N ILE B 349 10.70 -72.03 5.80
CA ILE B 349 11.62 -72.54 6.83
C ILE B 349 12.22 -73.90 6.45
N CYS B 350 13.54 -74.01 6.59
CA CYS B 350 14.27 -75.23 6.27
C CYS B 350 14.43 -76.14 7.50
N LYS B 351 14.09 -77.42 7.34
CA LYS B 351 14.14 -78.36 8.45
C LYS B 351 15.55 -78.78 8.89
N PRO B 352 16.46 -79.02 7.95
CA PRO B 352 17.78 -79.51 8.36
C PRO B 352 18.86 -78.44 8.55
N THR B 353 18.54 -77.16 8.37
CA THR B 353 19.55 -76.11 8.50
C THR B 353 19.03 -74.90 9.28
N MET B 354 17.72 -74.85 9.50
CA MET B 354 17.11 -73.77 10.27
C MET B 354 16.20 -74.35 11.35
N SER B 355 15.87 -73.52 12.33
CA SER B 355 14.94 -73.88 13.38
C SER B 355 13.85 -72.83 13.55
N SER B 356 13.92 -71.76 12.76
CA SER B 356 12.96 -70.68 12.87
C SER B 356 13.02 -69.69 11.71
N ALA B 357 11.99 -68.85 11.61
CA ALA B 357 11.93 -67.77 10.63
C ALA B 357 11.88 -66.42 11.34
N GLU B 358 12.27 -65.37 10.62
CA GLU B 358 12.14 -64.00 11.12
C GLU B 358 10.90 -63.34 10.54
N ILE B 359 10.08 -62.78 11.41
CA ILE B 359 8.84 -62.11 11.01
C ILE B 359 8.83 -60.67 11.50
N VAL B 360 8.78 -59.72 10.56
CA VAL B 360 8.80 -58.30 10.91
C VAL B 360 7.44 -57.67 10.66
N ALA B 361 7.07 -56.73 11.52
CA ALA B 361 5.80 -56.01 11.41
C ALA B 361 6.02 -54.51 11.28
N VAL B 362 4.99 -53.81 10.79
CA VAL B 362 5.06 -52.37 10.56
C VAL B 362 3.79 -51.67 11.01
N ASP B 363 3.96 -50.56 11.74
CA ASP B 363 2.84 -49.73 12.15
C ASP B 363 2.88 -48.39 11.42
N PRO B 364 1.87 -48.12 10.56
CA PRO B 364 1.79 -46.88 9.77
C PRO B 364 1.82 -45.59 10.60
N ASP B 365 1.36 -45.66 11.85
CA ASP B 365 1.31 -44.49 12.73
C ASP B 365 2.74 -44.06 13.08
N GLU B 366 2.89 -42.93 13.78
CA GLU B 366 4.23 -42.51 14.19
C GLU B 366 4.71 -43.47 15.27
N PRO B 367 6.03 -43.52 15.51
CA PRO B 367 6.65 -44.48 16.45
C PRO B 367 6.01 -44.52 17.84
N ILE B 368 5.63 -43.37 18.37
CA ILE B 368 4.98 -43.31 19.69
C ILE B 368 3.72 -44.18 19.69
N HIS B 369 3.09 -44.29 18.53
CA HIS B 369 1.85 -45.05 18.38
C HIS B 369 2.09 -46.33 17.58
N GLY B 370 3.26 -46.93 17.79
CA GLY B 370 3.65 -48.15 17.09
C GLY B 370 4.40 -49.09 18.01
N PRO B 371 5.69 -49.33 17.72
CA PRO B 371 6.44 -50.31 18.53
C PRO B 371 6.64 -49.87 19.98
N PRO B 372 7.08 -50.78 20.85
CA PRO B 372 7.37 -52.19 20.56
C PRO B 372 6.14 -53.05 20.36
N PHE B 373 6.23 -54.02 19.46
CA PHE B 373 5.11 -54.91 19.15
C PHE B 373 5.12 -56.15 20.02
N ASP B 374 3.93 -56.63 20.38
CA ASP B 374 3.77 -57.91 21.07
C ASP B 374 3.15 -58.94 20.14
N PHE B 375 3.93 -59.96 19.79
CA PHE B 375 3.45 -61.05 18.94
C PHE B 375 2.85 -62.19 19.78
N SER B 376 1.78 -62.81 19.27
CA SER B 376 1.15 -63.95 19.95
C SER B 376 0.43 -64.85 18.96
N LEU B 377 0.09 -66.06 19.41
CA LEU B 377 -0.67 -67.01 18.61
C LEU B 377 -2.05 -67.26 19.23
N GLU B 378 -2.57 -66.25 19.93
CA GLU B 378 -3.83 -66.38 20.66
C GLU B 378 -4.99 -66.90 19.80
N SER B 379 -5.16 -66.37 18.59
CA SER B 379 -6.30 -66.72 17.75
C SER B 379 -6.12 -68.05 17.03
N SER B 380 -5.09 -68.80 17.41
CA SER B 380 -4.70 -70.00 16.69
C SER B 380 -5.44 -71.24 17.19
N THR B 381 -5.54 -72.24 16.32
CA THR B 381 -6.13 -73.52 16.70
C THR B 381 -5.26 -74.19 17.75
N SER B 382 -5.82 -75.16 18.47
CA SER B 382 -5.05 -75.87 19.47
C SER B 382 -3.95 -76.71 18.84
N GLU B 383 -4.06 -76.95 17.53
CA GLU B 383 -3.15 -77.85 16.82
C GLU B 383 -1.90 -77.19 16.31
N VAL B 384 -1.94 -75.88 16.07
CA VAL B 384 -0.75 -75.17 15.63
C VAL B 384 0.02 -74.67 16.84
N GLN B 385 -0.72 -74.29 17.88
CA GLN B 385 -0.10 -73.73 19.07
C GLN B 385 0.65 -74.78 19.87
N ARG B 386 0.56 -76.04 19.45
CA ARG B 386 1.34 -77.11 20.08
C ARG B 386 2.66 -77.28 19.33
N MET B 387 2.65 -77.00 18.02
CA MET B 387 3.85 -77.15 17.19
C MET B 387 4.37 -75.83 16.62
N TRP B 388 3.95 -74.70 17.20
CA TRP B 388 4.47 -73.40 16.78
C TRP B 388 4.66 -72.44 17.95
N ARG B 389 5.88 -71.93 18.06
CA ARG B 389 6.24 -70.93 19.05
C ARG B 389 6.62 -69.61 18.38
N LEU B 390 6.34 -68.49 19.04
CA LEU B 390 6.95 -67.23 18.63
C LEU B 390 7.27 -66.34 19.83
N LYS B 391 8.45 -65.73 19.80
CA LYS B 391 8.86 -64.74 20.79
C LYS B 391 9.60 -63.61 20.09
N ALA B 392 9.32 -62.38 20.52
CA ALA B 392 9.94 -61.21 19.91
C ALA B 392 11.45 -61.21 20.08
N ILE B 393 12.16 -60.99 18.97
CA ILE B 393 13.61 -60.85 18.98
C ILE B 393 14.01 -59.40 19.15
N ASN B 394 13.13 -58.49 18.76
CA ASN B 394 13.27 -57.09 19.15
C ASN B 394 11.94 -56.34 19.05
N ASP B 395 11.99 -55.01 19.00
CA ASP B 395 10.79 -54.19 19.10
C ASP B 395 9.80 -54.34 17.94
N THR B 396 10.28 -54.78 16.78
CA THR B 396 9.44 -54.86 15.58
C THR B 396 9.37 -56.24 14.93
N ALA B 397 10.37 -57.09 15.21
CA ALA B 397 10.44 -58.45 14.69
C ALA B 397 10.37 -59.54 15.76
N ALA B 398 9.85 -60.70 15.37
CA ALA B 398 9.79 -61.87 16.24
C ALA B 398 10.22 -63.10 15.46
N ARG B 399 10.49 -64.20 16.16
CA ARG B 399 10.93 -65.43 15.51
C ARG B 399 9.90 -66.51 15.68
N LEU B 400 9.53 -67.13 14.56
CA LEU B 400 8.56 -68.21 14.55
C LEU B 400 9.29 -69.53 14.37
N SER B 401 9.43 -70.27 15.46
CA SER B 401 10.09 -71.57 15.45
C SER B 401 9.04 -72.69 15.45
N TYR B 402 9.45 -73.88 15.08
CA TYR B 402 8.55 -75.04 15.10
C TYR B 402 8.81 -75.95 16.29
N GLN B 403 7.73 -76.31 16.98
CA GLN B 403 7.80 -77.18 18.15
C GLN B 403 7.38 -78.60 17.79
N ASN B 404 7.75 -79.55 18.65
CA ASN B 404 7.22 -80.91 18.63
C ASN B 404 7.22 -81.65 17.29
N ASP B 405 8.42 -81.82 16.72
CA ASP B 405 8.61 -82.58 15.47
C ASP B 405 7.45 -82.56 14.48
N PRO B 406 7.28 -81.45 13.74
CA PRO B 406 6.24 -81.41 12.71
C PRO B 406 6.77 -81.92 11.38
N PRO B 407 5.88 -82.42 10.50
CA PRO B 407 6.28 -82.90 9.17
C PRO B 407 6.40 -81.82 8.10
N PHE B 408 6.95 -82.21 6.95
CA PHE B 408 7.08 -81.32 5.80
C PHE B 408 5.73 -81.02 5.18
N GLY B 409 5.49 -79.76 4.87
CA GLY B 409 4.25 -79.35 4.23
C GLY B 409 3.95 -77.88 4.41
N SER B 410 2.93 -77.41 3.71
CA SER B 410 2.51 -76.01 3.78
C SER B 410 1.49 -75.85 4.88
N TYR B 411 1.77 -74.95 5.83
CA TYR B 411 0.88 -74.67 6.94
C TYR B 411 0.24 -73.29 6.83
N VAL B 412 -0.53 -72.92 7.84
CA VAL B 412 -1.11 -71.58 7.92
C VAL B 412 -1.14 -71.13 9.38
N VAL B 413 -0.34 -70.11 9.69
CA VAL B 413 -0.19 -69.62 11.06
C VAL B 413 -0.75 -68.21 11.23
N PRO B 414 -1.76 -68.05 12.10
CA PRO B 414 -2.35 -66.72 12.35
C PRO B 414 -1.61 -65.96 13.44
N ILE B 415 -0.81 -64.98 13.04
CA ILE B 415 -0.01 -64.19 13.97
C ILE B 415 -0.69 -62.89 14.37
N THR B 416 -0.94 -62.75 15.67
CA THR B 416 -1.53 -61.54 16.22
C THR B 416 -0.45 -60.56 16.69
N VAL B 417 -0.42 -59.39 16.04
CA VAL B 417 0.50 -58.34 16.43
C VAL B 417 -0.30 -57.16 16.98
N ARG B 418 0.12 -56.63 18.13
CA ARG B 418 -0.49 -55.43 18.69
C ARG B 418 0.59 -54.41 19.01
N ASP B 419 0.23 -53.14 18.98
CA ASP B 419 1.19 -52.06 19.18
C ASP B 419 1.31 -51.71 20.67
N ARG B 420 2.02 -50.62 20.94
CA ARG B 420 2.26 -50.15 22.29
C ARG B 420 0.97 -49.90 23.07
N LEU B 421 -0.10 -49.55 22.36
CA LEU B 421 -1.35 -49.13 22.99
C LEU B 421 -2.49 -50.16 22.85
N GLY B 422 -2.19 -51.28 22.19
CA GLY B 422 -3.14 -52.39 22.13
C GLY B 422 -3.94 -52.49 20.85
N MET B 423 -3.68 -51.62 19.88
CA MET B 423 -4.29 -51.76 18.56
C MET B 423 -3.84 -53.09 17.96
N SER B 424 -4.78 -54.01 17.76
CA SER B 424 -4.44 -55.38 17.37
C SER B 424 -4.75 -55.68 15.92
N SER B 425 -4.02 -56.66 15.38
CA SER B 425 -4.14 -57.08 14.00
C SER B 425 -3.70 -58.52 13.85
N VAL B 426 -4.50 -59.31 13.13
CA VAL B 426 -4.15 -60.70 12.86
C VAL B 426 -3.96 -60.87 11.35
N THR B 427 -2.95 -61.66 10.99
CA THR B 427 -2.58 -61.85 9.59
C THR B 427 -2.12 -63.29 9.42
N SER B 428 -2.83 -64.03 8.58
CA SER B 428 -2.53 -65.44 8.37
C SER B 428 -1.33 -65.60 7.43
N LEU B 429 -0.33 -66.32 7.89
CA LEU B 429 0.89 -66.55 7.10
C LEU B 429 0.90 -67.94 6.49
N ASP B 430 1.22 -68.00 5.20
CA ASP B 430 1.44 -69.26 4.52
C ASP B 430 2.86 -69.77 4.78
N VAL B 431 3.02 -70.54 5.85
CA VAL B 431 4.32 -71.10 6.24
C VAL B 431 4.60 -72.45 5.57
N THR B 432 5.76 -72.56 4.93
CA THR B 432 6.18 -73.80 4.29
C THR B 432 7.43 -74.38 4.98
N LEU B 433 7.33 -75.65 5.40
CA LEU B 433 8.44 -76.35 6.06
C LEU B 433 9.08 -77.40 5.15
N CYS B 434 9.23 -77.06 3.87
CA CYS B 434 9.75 -78.00 2.89
C CYS B 434 11.20 -78.39 3.19
N ASP B 435 11.72 -79.31 2.39
CA ASP B 435 13.08 -79.80 2.56
C ASP B 435 14.06 -78.88 1.87
N CYS B 436 14.06 -77.60 2.24
CA CYS B 436 14.98 -76.67 1.60
C CYS B 436 16.32 -76.73 2.29
N ILE B 437 17.31 -76.14 1.64
CA ILE B 437 18.68 -76.12 2.13
C ILE B 437 19.18 -74.68 2.08
N THR B 438 18.95 -74.02 0.94
CA THR B 438 19.37 -72.64 0.76
C THR B 438 18.18 -71.71 0.64
N GLU B 439 16.99 -72.24 0.89
CA GLU B 439 15.75 -71.47 0.86
C GLU B 439 15.37 -71.07 -0.58
N ASN B 440 16.26 -71.33 -1.54
CA ASN B 440 16.04 -70.97 -2.94
C ASN B 440 15.68 -72.19 -3.78
N ASP B 441 15.47 -73.32 -3.12
CA ASP B 441 15.08 -74.55 -3.81
C ASP B 441 13.99 -75.22 -2.99
N CYS B 442 12.77 -74.72 -3.19
CA CYS B 442 11.60 -75.16 -2.48
C CYS B 442 10.43 -75.16 -3.46
N THR B 443 10.20 -76.29 -4.10
CA THR B 443 9.17 -76.43 -5.12
C THR B 443 7.97 -77.19 -4.59
N HIS B 444 8.15 -77.81 -3.42
CA HIS B 444 7.07 -78.48 -2.68
C HIS B 444 6.03 -79.15 -3.57
C1 NAG C . -51.77 -0.61 12.79
C2 NAG C . -52.26 0.15 13.99
C3 NAG C . -53.04 1.39 13.55
C4 NAG C . -52.17 2.25 12.64
C5 NAG C . -51.59 1.41 11.50
C6 NAG C . -50.55 2.15 10.69
C7 NAG C . -53.39 -0.40 16.11
C8 NAG C . -54.19 -1.43 16.85
N2 NAG C . -53.08 -0.70 14.85
O3 NAG C . -53.44 2.15 14.68
O4 NAG C . -52.95 3.29 12.08
O5 NAG C . -50.94 0.24 11.99
O6 NAG C . -49.53 1.28 10.22
O7 NAG C . -53.06 0.67 16.63
H1 NAG C . -52.53 -0.90 12.25
H2 NAG C . -51.49 0.45 14.50
H3 NAG C . -53.84 1.11 13.05
H4 NAG C . -51.44 2.63 13.16
H5 NAG C . -52.31 1.14 10.90
H61 NAG C . -50.97 2.59 9.93
H62 NAG C . -50.14 2.84 11.26
H81 NAG C . -53.68 -2.26 16.89
H82 NAG C . -54.37 -1.11 17.76
H83 NAG C . -55.03 -1.59 16.38
HN2 NAG C . -53.34 -1.52 14.52
HO3 NAG C . -53.99 2.80 14.42
HO4 NAG C . -53.51 2.96 11.47
HO6 NAG C . -49.90 0.53 9.93
C1 NAG C . -52.63 4.55 12.71
C2 NAG C . -53.69 5.56 12.29
C3 NAG C . -53.43 6.93 12.91
C4 NAG C . -53.28 6.78 14.43
C5 NAG C . -52.27 5.69 14.77
C6 NAG C . -52.16 5.42 16.26
C7 NAG C . -52.97 5.97 9.91
C8 NAG C . -51.57 6.29 10.39
N2 NAG C . -53.88 5.65 10.84
O3 NAG C . -54.50 7.81 12.59
O4 NAG C . -52.81 8.02 14.98
O5 NAG C . -52.62 4.45 14.13
O6 NAG C . -51.29 6.35 16.89
O7 NAG C . -53.26 6.00 8.72
H1 NAG C . -51.76 4.85 12.42
H2 NAG C . -54.54 5.26 12.66
H3 NAG C . -52.60 7.29 12.54
H4 NAG C . -54.13 6.56 14.82
H5 NAG C . -51.39 5.96 14.44
H61 NAG C . -53.05 5.47 16.65
H62 NAG C . -51.81 4.51 16.39
H81 NAG C . -51.59 7.05 10.99
H82 NAG C . -51.00 6.50 9.61
H83 NAG C . -51.21 5.51 10.85
HN2 NAG C . -54.72 5.47 10.53
HO3 NAG C . -54.26 8.34 11.92
HO4 NAG C . -51.92 8.00 15.04
HO6 NAG C . -51.76 6.81 17.50
C1 BMA C . -53.91 8.93 15.23
C2 BMA C . -53.38 10.10 16.07
C3 BMA C . -54.51 11.11 16.30
C4 BMA C . -55.23 11.47 14.99
C5 BMA C . -55.63 10.20 14.21
C6 BMA C . -56.25 10.49 12.84
O2 BMA C . -52.34 10.78 15.38
O3 BMA C . -54.05 12.31 16.93
O4 BMA C . -56.40 12.22 15.27
O5 BMA C . -54.45 9.42 14.01
O6 BMA C . -55.41 11.39 12.14
H1 BMA C . -54.70 8.39 15.79
H2 BMA C . -53.01 9.71 17.04
H3 BMA C . -55.25 10.68 16.99
H4 BMA C . -54.53 12.05 14.36
H5 BMA C . -56.36 9.62 14.80
H61 BMA C . -56.36 9.53 12.31
H62 BMA C . -57.25 10.89 13.02
HO2 BMA C . -51.77 10.09 15.00
HO3 BMA C . -54.22 13.02 16.29
HO4 BMA C . -56.11 13.15 15.31
HO6 BMA C . -55.85 11.62 11.30
C1 MAN C . -53.46 12.07 18.22
C2 MAN C . -53.66 13.34 19.08
C3 MAN C . -52.75 14.47 18.58
C4 MAN C . -51.30 13.99 18.40
C5 MAN C . -51.26 12.75 17.51
C6 MAN C . -49.88 12.15 17.35
O2 MAN C . -53.31 13.13 20.44
O3 MAN C . -52.79 15.60 19.45
O4 MAN C . -50.52 15.01 17.80
O5 MAN C . -52.08 11.74 18.11
O6 MAN C . -49.03 13.17 16.81
H1 MAN C . -53.92 11.19 18.70
H2 MAN C . -54.71 13.65 18.99
H3 MAN C . -53.12 14.82 17.61
H4 MAN C . -50.89 13.72 19.39
H5 MAN C . -51.66 13.00 16.52
H61 MAN C . -49.94 11.29 16.67
H62 MAN C . -49.54 11.80 18.32
HO2 MAN C . -54.11 12.97 20.97
HO3 MAN C . -53.37 16.24 19.02
HO4 MAN C . -50.19 15.55 18.54
HO6 MAN C . -48.27 12.72 16.40
C1 NAG D . 5.03 -30.99 1.73
C2 NAG D . 5.36 -32.43 1.22
C3 NAG D . 6.29 -33.15 2.22
C4 NAG D . 7.49 -32.26 2.50
C5 NAG D . 7.08 -30.84 2.94
C6 NAG D . 8.27 -30.00 3.30
C7 NAG D . 3.99 -34.05 -0.01
C8 NAG D . 2.67 -34.84 -0.04
N2 NAG D . 4.16 -33.20 1.02
O3 NAG D . 6.73 -34.35 1.60
O4 NAG D . 8.27 -32.90 3.53
O5 NAG D . 6.32 -30.22 1.94
O6 NAG D . 9.15 -29.67 2.22
O7 NAG D . 4.82 -34.20 -0.89
H1 NAG D . 4.56 -31.05 2.59
H2 NAG D . 5.82 -32.34 0.37
H3 NAG D . 5.82 -33.36 3.05
H4 NAG D . 8.04 -32.20 1.70
H5 NAG D . 6.53 -30.93 3.73
H61 NAG D . 7.95 -29.17 3.69
H62 NAG D . 8.79 -30.48 3.98
H81 NAG D . 2.59 -35.38 0.77
H82 NAG D . 1.91 -34.22 -0.08
H83 NAG D . 2.65 -35.43 -0.82
HN2 NAG D . 3.50 -33.16 1.66
HO3 NAG D . 6.16 -35.01 1.80
HO4 NAG D . 7.72 -33.21 4.16
HO6 NAG D . 9.47 -30.43 1.87
C1 NAG D . 9.62 -33.27 3.17
C2 NAG D . 10.33 -33.74 4.43
C3 NAG D . 11.80 -33.96 4.13
C4 NAG D . 11.96 -34.92 2.95
C5 NAG D . 11.08 -34.52 1.75
C6 NAG D . 11.07 -35.57 0.66
C7 NAG D . 9.59 -33.13 6.71
C8 NAG D . 9.48 -32.02 7.70
N2 NAG D . 10.15 -32.81 5.53
O3 NAG D . 12.49 -34.46 5.27
O4 NAG D . 13.32 -34.88 2.52
O5 NAG D . 9.71 -34.29 2.15
O6 NAG D . 10.62 -35.01 -0.57
O7 NAG D . 9.18 -34.26 6.95
H1 NAG D . 10.08 -32.47 2.85
H2 NAG D . 9.94 -34.61 4.69
H3 NAG D . 12.20 -33.10 3.89
H4 NAG D . 11.74 -35.83 3.23
H5 NAG D . 11.44 -33.70 1.39
H61 NAG D . 10.48 -36.30 0.92
H62 NAG D . 11.98 -35.91 0.54
H81 NAG D . 8.94 -31.30 7.33
H82 NAG D . 10.38 -31.69 7.91
H83 NAG D . 9.06 -32.36 8.52
HN2 NAG D . 10.43 -31.95 5.41
HO3 NAG D . 13.23 -34.01 5.40
HO4 NAG D . 13.49 -34.08 2.16
HO6 NAG D . 10.90 -35.52 -1.24
C1 BMA D . 14.10 -36.05 2.77
C2 BMA D . 15.08 -36.18 1.63
C3 BMA D . 15.92 -37.45 1.80
C4 BMA D . 16.55 -37.51 3.21
C5 BMA D . 15.52 -37.21 4.33
C6 BMA D . 16.18 -36.98 5.68
O2 BMA D . 15.98 -35.08 1.66
O3 BMA D . 16.96 -37.55 0.79
O4 BMA D . 17.09 -38.81 3.42
O5 BMA D . 14.80 -36.01 4.00
O6 BMA D . 16.46 -35.59 5.82
H1 BMA D . 13.43 -36.94 2.78
H2 BMA D . 14.52 -36.21 0.68
H3 BMA D . 15.28 -38.34 1.67
H4 BMA D . 17.34 -36.75 3.26
H5 BMA D . 14.83 -38.06 4.42
H61 BMA D . 17.10 -37.59 5.73
H62 BMA D . 15.48 -37.35 6.45
HO2 BMA D . 15.57 -34.38 1.13
HO3 BMA D . 17.74 -37.13 1.20
HO4 BMA D . 17.34 -39.14 2.55
HO6 BMA D . 17.08 -35.50 6.55
C1 MAN D . 16.50 -38.12 -0.45
C2 MAN D . 17.76 -38.38 -1.34
C3 MAN D . 18.33 -37.06 -1.89
C4 MAN D . 17.23 -36.18 -2.51
C5 MAN D . 16.09 -35.99 -1.51
C6 MAN D . 14.92 -35.19 -2.06
O2 MAN D . 17.43 -39.17 -2.48
O3 MAN D . 19.35 -37.31 -2.85
O4 MAN D . 17.77 -34.90 -2.83
O5 MAN D . 15.58 -37.28 -1.13
O6 MAN D . 15.39 -33.89 -2.40
H1 MAN D . 15.95 -39.06 -0.28
H2 MAN D . 18.52 -38.88 -0.72
H3 MAN D . 18.79 -36.52 -1.07
H4 MAN D . 16.83 -36.68 -3.41
H5 MAN D . 16.46 -35.46 -0.63
H61 MAN D . 14.52 -35.71 -2.95
H62 MAN D . 14.13 -35.16 -1.30
HO2 MAN D . 17.70 -40.09 -2.32
HO3 MAN D . 20.17 -37.01 -2.43
HO4 MAN D . 18.06 -34.98 -3.76
HO6 MAN D . 14.63 -33.37 -2.71
C1 NAG E . 14.90 -56.67 14.56
C2 NAG E . 15.69 -55.56 13.89
C3 NAG E . 15.56 -55.64 12.36
C4 NAG E . 15.91 -57.03 11.86
C5 NAG E . 15.12 -58.09 12.63
C6 NAG E . 15.56 -59.50 12.28
C7 NAG E . 16.08 -53.44 15.07
C8 NAG E . 15.48 -52.14 15.49
N2 NAG E . 15.27 -54.25 14.36
O3 NAG E . 16.44 -54.68 11.78
O4 NAG E . 15.54 -57.13 10.49
O5 NAG E . 15.30 -57.94 14.05
O6 NAG E . 16.98 -59.64 12.31
O7 NAG E . 17.23 -53.75 15.35
H1 NAG E . 13.95 -56.54 14.40
H2 NAG E . 16.64 -55.68 14.11
H3 NAG E . 14.64 -55.42 12.11
H4 NAG E . 16.88 -57.19 11.96
H5 NAG E . 14.19 -58.00 12.42
H61 NAG E . 15.24 -59.72 11.39
H62 NAG E . 15.17 -60.12 12.92
H81 NAG E . 15.22 -51.63 14.70
H82 NAG E . 14.70 -52.29 16.05
H83 NAG E . 16.14 -51.62 16.00
HN2 NAG E . 14.43 -53.97 14.19
HO3 NAG E . 16.21 -54.55 10.94
HO4 NAG E . 14.66 -57.16 10.42
HO6 NAG E . 17.24 -59.83 13.14
C1 NAG E . 16.62 -57.13 9.54
C2 NAG E . 16.06 -57.57 8.20
C3 NAG E . 17.13 -57.56 7.13
C4 NAG E . 17.81 -56.20 7.07
C5 NAG E . 18.32 -55.81 8.46
C6 NAG E . 18.91 -54.42 8.51
C7 NAG E . 14.22 -59.15 7.80
C8 NAG E . 13.74 -60.57 7.99
N2 NAG E . 15.43 -58.88 8.30
O3 NAG E . 16.57 -57.89 5.87
O4 NAG E . 18.91 -56.26 6.16
O5 NAG E . 17.25 -55.86 9.42
O6 NAG E . 20.18 -54.42 9.15
O7 NAG E . 13.54 -58.30 7.24
H1 NAG E . 17.29 -57.77 9.83
H2 NAG E . 15.37 -56.92 7.94
H3 NAG E . 17.81 -58.23 7.36
H4 NAG E . 17.17 -55.53 6.76
H5 NAG E . 19.00 -56.45 8.73
H61 NAG E . 18.30 -53.84 9.01
H62 NAG E . 19.01 -54.08 7.61
H81 NAG E . 14.36 -61.17 7.54
H82 NAG E . 12.86 -60.66 7.60
H83 NAG E . 13.71 -60.77 8.94
HN2 NAG E . 15.90 -59.55 8.70
HO3 NAG E . 17.19 -58.30 5.37
HO4 NAG E . 19.63 -56.57 6.59
HO6 NAG E . 20.21 -53.76 9.75
C1 BMA E . 18.65 -55.86 4.81
C2 BMA E . 19.79 -54.99 4.51
C3 BMA E . 19.68 -54.46 3.07
C4 BMA E . 19.69 -55.63 2.08
C5 BMA E . 18.56 -56.65 2.47
C6 BMA E . 18.68 -57.96 1.71
O2 BMA E . 20.91 -55.85 4.57
O3 BMA E . 20.61 -53.33 2.76
O4 BMA E . 19.45 -55.15 0.77
O5 BMA E . 18.60 -56.95 3.91
O6 BMA E . 18.13 -59.01 2.50
H1 BMA E . 17.70 -55.28 4.76
H2 BMA E . 19.85 -54.18 5.24
H3 BMA E . 18.68 -54.00 2.99
H4 BMA E . 20.65 -56.14 2.16
H5 BMA E . 17.59 -56.21 2.21
H61 BMA E . 19.75 -58.14 1.48
H62 BMA E . 18.15 -57.85 0.75
HO2 BMA E . 21.25 -55.77 5.48
HO3 BMA E . 20.06 -52.54 2.68
HO4 BMA E . 19.65 -55.90 0.18
HO6 BMA E . 18.40 -58.85 3.42
C1 MAN E . 22.05 -53.50 2.64
C2 MAN E . 22.69 -53.95 4.00
C3 MAN E . 24.16 -53.52 4.24
C4 MAN E . 24.69 -52.65 3.13
C5 MAN E . 23.63 -51.62 2.82
C6 MAN E . 24.16 -50.47 1.98
O2 MAN E . 22.78 -55.36 4.08
O3 MAN E . 25.00 -54.65 4.43
O4 MAN E . 25.89 -52.01 3.55
O5 MAN E . 22.59 -52.30 2.07
O6 MAN E . 25.37 -50.89 1.35
H1 MAN E . 22.26 -54.26 1.86
H2 MAN E . 22.08 -53.56 4.82
H3 MAN E . 24.21 -52.94 5.17
H4 MAN E . 24.85 -53.27 2.24
H5 MAN E . 23.22 -51.22 3.76
H61 MAN E . 23.40 -50.19 1.25
H62 MAN E . 24.33 -49.62 2.65
HO2 MAN E . 23.31 -55.68 3.34
HO3 MAN E . 24.50 -55.25 5.00
HO4 MAN E . 26.26 -52.59 4.23
HO6 MAN E . 25.64 -50.18 0.74
C1 MAN F . 43.35 32.17 3.57
C2 MAN F . 43.21 30.74 4.13
C3 MAN F . 44.49 29.97 4.01
C4 MAN F . 44.87 29.94 2.56
C5 MAN F . 45.21 31.31 2.07
C6 MAN F . 45.16 31.31 0.52
O2 MAN F . 42.23 30.03 3.37
O3 MAN F . 44.39 28.63 4.48
O4 MAN F . 46.02 29.12 2.37
O5 MAN F . 44.26 32.34 2.54
O6 MAN F . 43.68 30.80 -0.05
H1 MAN F . 42.39 32.50 3.14
H2 MAN F . 42.91 30.81 5.19
H3 MAN F . 45.28 30.46 4.57
H4 MAN F . 44.01 29.56 1.98
H5 MAN F . 46.23 31.57 2.39
H61 MAN F . 45.38 32.33 0.17
H62 MAN F . 45.96 30.65 0.17
HO2 MAN F . 42.43 29.08 3.43
HO3 MAN F . 44.26 28.09 3.69
HO4 MAN F . 45.68 28.27 2.04
HO6 MAN F . 43.42 31.42 -0.74
C1 MAN G . 38.00 28.32 5.54
C2 MAN G . 39.44 28.89 5.38
C3 MAN G . 40.33 27.86 4.73
C4 MAN G . 39.90 26.45 5.15
C5 MAN G . 38.51 26.15 4.57
C6 MAN G . 37.76 25.05 5.30
O2 MAN G . 40.05 29.17 6.66
O3 MAN G . 41.72 28.08 5.03
O4 MAN G . 40.83 25.50 4.67
O5 MAN G . 37.67 27.32 4.62
O6 MAN G . 36.70 24.61 4.45
H1 MAN G . 37.90 27.83 6.52
H2 MAN G . 39.40 29.81 4.77
H3 MAN G . 40.23 27.95 3.64
H4 MAN G . 39.83 26.43 6.25
H5 MAN G . 38.63 25.83 3.52
H61 MAN G . 38.47 24.23 5.52
H62 MAN G . 37.39 25.46 6.25
HO2 MAN G . 39.92 28.40 7.24
HO3 MAN G . 41.72 28.70 5.78
HO4 MAN G . 41.62 26.01 4.43
HO6 MAN G . 36.31 25.39 4.05
C1 MAN H . -33.30 -10.54 11.62
C2 MAN H . -32.78 -9.10 11.82
C3 MAN H . -31.23 -9.04 11.77
C4 MAN H . -30.58 -10.17 12.61
C5 MAN H . -31.19 -11.53 12.23
C6 MAN H . -30.69 -12.69 13.09
O2 MAN H . -33.16 -8.61 13.11
O3 MAN H . -30.75 -7.78 12.21
O4 MAN H . -29.19 -10.20 12.34
O5 MAN H . -32.62 -11.47 12.41
O6 MAN H . -31.35 -13.87 12.67
H1 MAN H . -34.34 -10.62 11.95
H2 MAN H . -33.19 -8.47 11.02
H3 MAN H . -30.91 -9.16 10.74
H4 MAN H . -30.78 -9.99 13.67
H5 MAN H . -30.96 -11.76 11.18
H61 MAN H . -30.89 -12.46 14.14
H62 MAN H . -29.60 -12.75 12.95
HO2 MAN H . -34.11 -8.73 13.22
HO3 MAN H . -31.50 -7.17 12.12
HO4 MAN H . -28.79 -9.63 13.01
HO6 MAN H . -30.89 -14.63 13.06
C1 MAN I . -38.38 -5.58 12.82
C2 MAN I . -39.37 -4.41 13.10
C3 MAN I . -38.74 -3.05 12.72
C4 MAN I . -37.27 -2.93 13.19
C5 MAN I . -36.47 -4.16 12.76
C6 MAN I . -35.03 -4.15 13.24
O2 MAN I . -39.67 -4.33 14.49
O3 MAN I . -39.50 -1.97 13.25
O4 MAN I . -36.68 -1.77 12.61
O5 MAN I . -37.10 -5.32 13.31
O6 MAN I . -34.25 -4.98 12.37
H1 MAN I . -38.71 -6.47 13.38
H2 MAN I . -40.27 -4.57 12.50
H3 MAN I . -38.76 -2.94 11.63
H4 MAN I . -37.26 -2.88 14.29
H5 MAN I . -36.46 -4.22 11.66
H61 MAN I . -35.00 -4.51 14.27
H62 MAN I . -34.67 -3.11 13.22
HO2 MAN I . -40.07 -5.15 14.78
HO3 MAN I . -40.41 -2.14 12.95
HO4 MAN I . -37.00 -1.03 13.15
HO6 MAN I . -33.66 -5.50 12.93
C1 NAG J . -5.19 23.33 5.47
C2 NAG J . -4.24 24.36 6.15
C3 NAG J . -5.03 25.52 6.76
C4 NAG J . -5.89 26.17 5.69
C5 NAG J . -6.86 25.14 5.14
C6 NAG J . -7.75 25.70 4.05
C7 NAG J . -3.73 23.38 8.36
C8 NAG J . -2.64 22.81 9.24
N2 NAG J . -3.35 23.75 7.14
O3 NAG J . -4.13 26.46 7.31
O4 NAG J . -6.60 27.28 6.23
O5 NAG J . -6.14 24.03 4.58
O6 NAG J . -7.04 25.85 2.82
O7 NAG J . -4.89 23.48 8.75
H1 NAG J . -5.68 22.85 6.16
H2 NAG J . -3.67 24.74 5.45
H3 NAG J . -5.61 25.17 7.46
H4 NAG J . -5.31 26.49 4.97
H5 NAG J . -7.43 24.82 5.87
H61 NAG J . -8.50 25.09 3.91
H62 NAG J . -8.08 26.57 4.33
H81 NAG J . -1.95 23.48 9.36
H82 NAG J . -2.27 22.02 8.81
H83 NAG J . -3.02 22.57 10.10
HN2 NAG J . -2.47 23.66 6.92
HO3 NAG J . -4.56 27.21 7.50
HO4 NAG J . -6.24 28.03 5.94
HO6 NAG J . -7.31 25.22 2.25
C1 NAG K . -75.26 16.36 20.55
C2 NAG K . -74.36 17.57 20.60
C3 NAG K . -73.05 17.21 21.28
C4 NAG K . -73.36 16.87 22.73
C5 NAG K . -74.36 15.70 22.83
C6 NAG K . -74.88 15.59 24.26
C7 NAG K . -73.69 17.72 18.18
C8 NAG K . -73.33 16.26 18.18
N2 NAG K . -74.15 18.23 19.32
O3 NAG K . -72.17 18.33 21.22
O4 NAG K . -72.15 16.52 23.40
O5 NAG K . -75.52 15.84 21.97
O6 NAG K . -73.84 15.83 25.19
O7 NAG K . -73.55 18.39 17.17
H1 NAG K . -74.83 15.66 20.03
H2 NAG K . -74.80 18.21 21.18
H3 NAG K . -72.65 16.45 20.83
H4 NAG K . -73.74 17.65 23.16
H5 NAG K . -73.89 14.87 22.61
H61 NAG K . -75.24 14.69 24.40
H62 NAG K . -75.59 16.26 24.39
H81 NAG K . -72.63 16.09 18.85
H82 NAG K . -74.13 15.73 18.41
H83 NAG K . -73.00 15.99 17.30
HN2 NAG K . -74.36 19.12 19.30
HO3 NAG K . -71.58 18.20 20.57
HO4 NAG K . -71.46 16.79 22.91
HO6 NAG K . -73.22 15.21 25.11
CA CA L . 48.51 46.58 11.29
CA CA M . 13.76 28.11 -6.33
CA CA N . 12.00 26.73 -2.99
CA CA O . -27.15 -2.18 -0.85
CA CA P . -25.98 -5.13 -3.19
CA CA Q . 5.81 24.05 -2.44
CA CA R . -68.89 -3.43 11.10
CA CA S . -68.12 -7.14 13.37
CA CA T . -29.11 -11.08 -2.62
CA CA U . -74.38 0.42 12.10
S SO4 V . 33.33 44.81 16.41
O1 SO4 V . 34.36 45.78 16.04
O2 SO4 V . 33.72 43.49 15.94
O3 SO4 V . 33.16 44.79 17.85
O4 SO4 V . 32.06 45.19 15.78
C1 EDO W . 30.55 23.90 -0.27
O1 EDO W . 29.86 25.11 0.08
C2 EDO W . 30.88 23.94 -1.76
O2 EDO W . 30.88 25.30 -2.19
H11 EDO W . 31.46 23.82 0.31
H12 EDO W . 29.92 23.04 -0.06
HO1 EDO W . 29.64 25.10 1.02
H21 EDO W . 31.86 23.50 -1.94
H22 EDO W . 30.14 23.38 -2.33
HO2 EDO W . 31.08 25.34 -3.14
C1 EDO X . 55.52 40.19 16.74
O1 EDO X . 55.13 38.82 16.74
C2 EDO X . 55.59 40.71 15.31
O2 EDO X . 54.45 40.24 14.58
H11 EDO X . 54.81 40.78 17.32
H12 EDO X . 56.50 40.29 17.22
HO1 EDO X . 55.08 38.50 17.65
H21 EDO X . 55.62 41.81 15.32
H22 EDO X . 56.51 40.35 14.84
HO2 EDO X . 54.50 40.58 13.68
C1 EDO Y . -24.70 6.52 -1.90
O1 EDO Y . -24.75 7.54 -0.90
C2 EDO Y . -24.15 7.09 -3.20
O2 EDO Y . -25.21 7.74 -3.91
H11 EDO Y . -24.04 5.71 -1.56
H12 EDO Y . -25.69 6.10 -2.07
HO1 EDO Y . -25.10 7.18 -0.09
H21 EDO Y . -23.36 7.82 -2.99
H22 EDO Y . -23.73 6.30 -3.82
HO2 EDO Y . -24.87 8.11 -4.74
C1 NAG Z . 39.33 2.74 -15.05
C2 NAG Z . 39.98 1.83 -16.11
C3 NAG Z . 40.00 0.37 -15.66
C4 NAG Z . 40.64 0.24 -14.29
C5 NAG Z . 39.92 1.15 -13.30
C6 NAG Z . 40.57 1.13 -11.92
C7 NAG Z . 39.90 2.40 -18.50
C8 NAG Z . 39.05 2.44 -19.72
N2 NAG Z . 39.30 1.94 -17.39
O3 NAG Z . 40.72 -0.40 -16.61
O4 NAG Z . 40.57 -1.11 -13.85
O5 NAG Z . 39.95 2.50 -13.76
O6 NAG Z . 40.52 2.41 -11.31
O7 NAG Z . 41.07 2.76 -18.50
H1 NAG Z . 38.38 2.53 -15.00
H2 NAG Z . 40.91 2.11 -16.23
H3 NAG Z . 39.08 0.04 -15.61
H4 NAG Z . 41.59 0.50 -14.35
H5 NAG Z . 39.00 0.85 -13.21
H61 NAG Z . 40.10 0.49 -11.36
H62 NAG Z . 41.50 0.85 -12.01
H81 NAG Z . 38.27 3.03 -19.58
H82 NAG Z . 39.57 2.80 -20.47
H83 NAG Z . 38.74 1.54 -19.94
HN2 NAG Z . 38.42 1.69 -17.44
HO3 NAG Z . 40.25 -1.14 -16.81
HO4 NAG Z . 39.72 -1.33 -13.70
HO6 NAG Z . 40.93 2.37 -10.52
C1 MAN AA . 59.08 29.39 -43.55
C2 MAN AA . 60.17 29.65 -44.63
C3 MAN AA . 60.68 31.09 -44.56
C4 MAN AA . 59.53 32.08 -44.52
C5 MAN AA . 58.62 31.76 -43.32
C6 MAN AA . 57.42 32.69 -43.24
O2 MAN AA . 59.62 29.51 -45.95
O3 MAN AA . 61.56 31.39 -45.65
O4 MAN AA . 60.02 33.41 -44.40
O5 MAN AA . 58.12 30.42 -43.45
O6 MAN AA . 56.60 32.26 -42.16
H1 MAN AA . 58.50 28.49 -43.82
H2 MAN AA . 60.99 28.94 -44.47
H3 MAN AA . 61.27 31.21 -43.64
H4 MAN AA . 58.93 31.96 -45.44
H5 MAN AA . 59.20 31.87 -42.40
H61 MAN AA . 56.88 32.66 -44.20
H62 MAN AA . 57.79 33.71 -43.10
HO2 MAN AA . 59.20 28.64 -46.02
HO3 MAN AA . 62.22 30.68 -45.64
HO4 MAN AA . 60.30 33.66 -45.29
HO6 MAN AA . 55.69 32.53 -42.35
C1 MAN BA . 65.46 33.06 -44.86
C2 MAN BA . 65.13 33.91 -43.62
C3 MAN BA . 64.93 35.38 -44.04
C4 MAN BA . 64.27 35.46 -45.41
C5 MAN BA . 63.46 34.19 -45.67
C6 MAN BA . 62.73 34.24 -46.99
O2 MAN BA . 66.16 33.93 -42.62
O3 MAN BA . 66.14 36.12 -44.01
O4 MAN BA . 63.40 36.57 -45.46
O5 MAN BA . 64.35 33.04 -45.74
O6 MAN BA . 62.24 32.94 -47.31
H1 MAN BA . 66.26 33.53 -45.44
H2 MAN BA . 64.19 33.53 -43.19
H3 MAN BA . 64.25 35.86 -43.32
H4 MAN BA . 65.06 35.54 -46.18
H5 MAN BA . 62.73 34.04 -44.87
H61 MAN BA . 63.42 34.62 -47.76
H62 MAN BA . 61.90 34.96 -46.89
HO2 MAN BA . 65.94 33.28 -41.94
HO3 MAN BA . 66.84 35.48 -44.22
HO4 MAN BA . 62.64 36.32 -44.89
HO6 MAN BA . 62.30 32.84 -48.26
C1 MAN CA . 0.43 -12.60 -10.00
C2 MAN CA . -0.15 -12.66 -11.41
C3 MAN CA . -0.19 -14.11 -11.84
C4 MAN CA . 1.23 -14.70 -11.88
C5 MAN CA . 2.00 -14.43 -10.55
C6 MAN CA . 3.49 -14.58 -10.75
O2 MAN CA . 0.71 -12.00 -12.33
O3 MAN CA . -0.82 -14.27 -13.11
O4 MAN CA . 1.15 -16.10 -12.09
O5 MAN CA . 1.76 -13.06 -10.05
O6 MAN CA . 4.10 -14.84 -9.50
H1 MAN CA . 0.52 -11.55 -9.69
H2 MAN CA . -1.16 -12.23 -11.41
H3 MAN CA . -0.78 -14.68 -11.12
H4 MAN CA . 1.79 -14.22 -12.70
H5 MAN CA . 1.67 -15.16 -9.80
H61 MAN CA . 3.88 -13.66 -11.21
H62 MAN CA . 3.65 -15.41 -11.45
HO2 MAN CA . 0.96 -11.14 -11.98
HO3 MAN CA . -1.65 -13.75 -13.05
HO4 MAN CA . 1.16 -16.22 -13.06
HO6 MAN CA . 5.06 -14.80 -9.62
C1 MAN DA . 3.34 -19.68 -7.06
C2 MAN DA . 4.72 -19.90 -6.37
C3 MAN DA . 5.89 -19.28 -7.13
C4 MAN DA . 5.73 -19.48 -8.62
C5 MAN DA . 4.47 -18.75 -9.06
C6 MAN DA . 4.29 -18.74 -10.57
O2 MAN DA . 5.02 -21.30 -6.27
O3 MAN DA . 7.14 -19.80 -6.69
O4 MAN DA . 6.85 -18.95 -9.32
O5 MAN DA . 3.34 -19.45 -8.48
O6 MAN DA . 3.03 -18.13 -10.87
H1 MAN DA . 2.71 -20.57 -6.95
H2 MAN DA . 4.67 -19.47 -5.37
H3 MAN DA . 5.91 -18.20 -6.92
H4 MAN DA . 5.61 -20.56 -8.83
H5 MAN DA . 4.51 -17.72 -8.70
H61 MAN DA . 4.34 -19.77 -10.94
H62 MAN DA . 5.13 -18.17 -11.01
HO2 MAN DA . 5.96 -21.43 -6.47
HO3 MAN DA . 7.14 -19.70 -5.73
HO4 MAN DA . 7.62 -19.20 -8.78
HO6 MAN DA . 3.01 -17.97 -11.83
CA CA EA . 79.10 25.07 -50.51
CA CA FA . 48.26 18.81 -20.05
CA CA GA . 50.68 21.87 -18.15
CA CA HA . 43.57 15.34 -17.12
CA CA IA . 9.05 -3.09 -1.56
CA CA JA . 6.53 -0.40 -1.03
CA CA KA . -0.17 -2.12 -0.90
CA CA LA . -5.66 -42.50 9.88
CA CA MA . -2.46 -42.58 12.66
CA CA NA . -0.52 -47.95 15.76
CA CA OA . 2.56 4.30 -0.58
S SO4 PA . 24.53 1.43 -19.30
O1 SO4 PA . 25.47 2.54 -19.51
O2 SO4 PA . 24.97 0.28 -20.08
O3 SO4 PA . 24.51 1.08 -17.89
O4 SO4 PA . 23.20 1.83 -19.73
C1 EDO QA . 32.31 -1.22 -3.91
O1 EDO QA . 32.29 -0.74 -5.26
C2 EDO QA . 31.87 -0.10 -2.97
O2 EDO QA . 32.48 -0.28 -1.68
H11 EDO QA . 33.31 -1.55 -3.65
H12 EDO QA . 31.63 -2.07 -3.82
HO1 EDO QA . 32.57 -1.45 -5.85
H21 EDO QA . 32.17 0.87 -3.38
H22 EDO QA . 30.79 -0.11 -2.86
HO2 EDO QA . 32.20 0.43 -1.09
C1 EDO RA . 4.73 -27.86 2.90
O1 EDO RA . 5.12 -28.50 4.11
C2 EDO RA . 6.08 -27.57 2.36
O2 EDO RA . 6.37 -28.96 1.97
H11 EDO RA . 4.16 -26.94 3.09
H12 EDO RA . 4.18 -28.53 2.25
HO1 EDO RA . 4.33 -28.76 4.60
H21 EDO RA . 6.05 -26.89 1.51
H22 EDO RA . 6.77 -27.21 3.14
HO2 EDO RA . 7.26 -29.00 1.58
#